data_8K7C
#
_entry.id   8K7C
#
_cell.length_a   1.00
_cell.length_b   1.00
_cell.length_c   1.00
_cell.angle_alpha   90.00
_cell.angle_beta   90.00
_cell.angle_gamma   90.00
#
_symmetry.space_group_name_H-M   'P 1'
#
loop_
_entity.id
_entity.type
_entity.pdbx_description
1 polymer 'ATP-binding cassette sub-family B member 6'
2 non-polymer "ADENOSINE-5'-DIPHOSPHATE"
3 non-polymer 'VANADATE ION'
4 non-polymer 'MAGNESIUM ION'
#
_entity_poly.entity_id   1
_entity_poly.type   'polypeptide(L)'
_entity_poly.pdbx_seq_one_letter_code
;RDFGRKLRLLSGYLWPRGSPALQLVVLICLGLMGLERALNVLVPIFYRNIVNLLTEKAPWNSLAWTVTSYVFLKFLQGGG
TGSTGFVSNLRTFLWIRVQQFTSRRVELLIFSHLHELSLRWHLGRRTGEVLRIADRGTSSVTGLLSYLVFNVIPTLADII
IGIIYFSMFFNAWFGLIVFLCMSLYLTLTIVVTEWRTKFRRAMNTQENATRARAVDSLLNFETVKYYNAESYEVERYREA
IIKYQGLEWKSSASLVLLNQTQNLVIGLGLLAGSLLCAYFVTEQKLQVGDYVLFGTYIIQLYMPLNAFGTYYRMIQTNFI
DMENMFDLLKEETEVKDLPGAGPLRFQKGRIEFENVHFSYADGRETLQDVSFTVMPGQTLALVGPSGAGKSTILRLLFRF
YDISSGCIRIDGQDISQVTQASLRSHIGVVPQDTVLFNDTIADNIRYGRVTAGNDEVEAAAQAAGIHDAIMAFPEGYRTQ
VGERGLKLSGGEKQRVAIARTILKAPGIILLDEATSALDTSNERAIQASLAKVCANRTTIVVAHRLSTVVNADQILVIKD
GCIVERGRHEALLSRGGVYADMWQLQQ
;
_entity_poly.pdbx_strand_id   A,B
#
loop_
_chem_comp.id
_chem_comp.type
_chem_comp.name
_chem_comp.formula
ADP non-polymer ADENOSINE-5'-DIPHOSPHATE 'C10 H15 N5 O10 P2'
MG non-polymer 'MAGNESIUM ION' 'Mg 2'
VO4 non-polymer 'VANADATE ION' 'O4 V -3'
#
# COMPACT_ATOMS: atom_id res chain seq x y z
N ARG A 1 29.48 2.47 -18.24
CA ARG A 1 28.06 2.58 -18.48
C ARG A 1 27.26 2.61 -17.18
N ASP A 2 25.94 2.73 -17.28
CA ASP A 2 25.11 2.83 -16.10
C ASP A 2 25.29 1.65 -15.16
N PHE A 3 25.32 0.45 -15.71
CA PHE A 3 25.41 -0.74 -14.86
C PHE A 3 26.46 -0.53 -13.79
N GLY A 4 27.54 0.16 -14.14
CA GLY A 4 28.60 0.38 -13.18
C GLY A 4 28.13 1.11 -11.96
N ARG A 5 27.51 2.26 -12.15
CA ARG A 5 27.12 3.06 -11.00
C ARG A 5 26.18 2.26 -10.11
N LYS A 6 25.18 1.64 -10.70
CA LYS A 6 24.20 0.94 -9.91
C LYS A 6 24.89 -0.05 -9.02
N LEU A 7 25.73 -0.88 -9.62
CA LEU A 7 26.36 -1.93 -8.84
C LEU A 7 27.19 -1.37 -7.71
N ARG A 8 27.95 -0.32 -7.98
CA ARG A 8 28.84 0.19 -6.96
C ARG A 8 28.04 0.59 -5.75
N LEU A 9 27.01 1.39 -5.94
CA LEU A 9 26.30 1.83 -4.78
C LEU A 9 25.79 0.59 -4.13
N LEU A 10 25.22 -0.29 -4.93
CA LEU A 10 24.65 -1.48 -4.37
C LEU A 10 25.72 -2.18 -3.56
N SER A 11 26.98 -1.83 -3.76
CA SER A 11 28.00 -2.59 -3.04
C SER A 11 27.80 -2.54 -1.54
N GLY A 12 27.41 -1.38 -1.01
CA GLY A 12 27.31 -1.24 0.43
C GLY A 12 26.18 -2.03 1.04
N TYR A 13 24.94 -1.67 0.72
CA TYR A 13 23.79 -2.18 1.45
C TYR A 13 23.64 -3.70 1.29
N LEU A 14 24.30 -4.28 0.29
CA LEU A 14 24.27 -5.73 0.14
C LEU A 14 25.09 -6.41 1.23
N TRP A 15 26.30 -5.94 1.46
CA TRP A 15 27.19 -6.57 2.42
C TRP A 15 27.18 -5.78 3.71
N PRO A 16 26.82 -6.38 4.84
CA PRO A 16 26.74 -5.61 6.09
C PRO A 16 28.04 -4.88 6.35
N ARG A 17 27.91 -3.64 6.81
CA ARG A 17 29.06 -2.77 6.98
C ARG A 17 28.98 -2.08 8.33
N GLY A 18 30.14 -1.65 8.83
CA GLY A 18 30.20 -0.84 10.01
C GLY A 18 29.89 -1.54 11.31
N SER A 19 29.21 -2.68 11.28
CA SER A 19 28.92 -3.44 12.50
C SER A 19 29.60 -4.80 12.40
N PRO A 20 30.81 -4.94 12.94
CA PRO A 20 31.54 -6.20 12.74
C PRO A 20 30.82 -7.41 13.25
N ALA A 21 29.97 -7.26 14.26
CA ALA A 21 29.22 -8.40 14.77
C ALA A 21 28.39 -9.04 13.67
N LEU A 22 27.68 -8.22 12.89
CA LEU A 22 26.99 -8.76 11.73
C LEU A 22 27.92 -8.96 10.54
N GLN A 23 29.15 -8.47 10.61
CA GLN A 23 30.12 -8.82 9.57
C GLN A 23 30.43 -10.30 9.61
N LEU A 24 30.53 -10.86 10.82
CA LEU A 24 30.96 -12.23 10.98
C LEU A 24 29.87 -13.23 10.64
N VAL A 25 28.60 -12.89 10.90
CA VAL A 25 27.54 -13.89 10.84
C VAL A 25 27.32 -14.38 9.40
N VAL A 26 27.73 -13.60 8.42
CA VAL A 26 27.66 -14.11 7.06
C VAL A 26 28.64 -15.26 6.86
N LEU A 27 29.84 -15.16 7.46
CA LEU A 27 30.88 -16.17 7.21
C LEU A 27 30.53 -17.50 7.84
N ILE A 28 30.04 -17.50 9.09
CA ILE A 28 29.67 -18.76 9.73
C ILE A 28 28.60 -19.47 8.91
N CYS A 29 27.60 -18.72 8.45
CA CYS A 29 26.55 -19.33 7.67
C CYS A 29 27.09 -19.90 6.37
N LEU A 30 27.98 -19.16 5.71
CA LEU A 30 28.57 -19.67 4.48
C LEU A 30 29.33 -20.97 4.73
N GLY A 31 30.11 -21.01 5.81
CA GLY A 31 30.87 -22.20 6.11
C GLY A 31 29.99 -23.39 6.44
N LEU A 32 28.91 -23.17 7.17
CA LEU A 32 28.00 -24.28 7.45
C LEU A 32 27.36 -24.79 6.17
N MET A 33 27.00 -23.88 5.27
CA MET A 33 26.51 -24.32 3.97
C MET A 33 27.54 -25.22 3.29
N GLY A 34 28.81 -24.82 3.34
CA GLY A 34 29.85 -25.67 2.78
C GLY A 34 29.91 -27.04 3.45
N LEU A 35 29.85 -27.06 4.77
CA LEU A 35 29.97 -28.31 5.51
C LEU A 35 28.83 -29.27 5.19
N GLU A 36 27.68 -28.72 4.82
CA GLU A 36 26.49 -29.55 4.67
C GLU A 36 26.68 -30.63 3.61
N ARG A 37 27.16 -30.24 2.42
CA ARG A 37 27.31 -31.20 1.34
C ARG A 37 28.34 -32.28 1.69
N ALA A 38 29.45 -31.88 2.32
CA ALA A 38 30.48 -32.84 2.69
C ALA A 38 29.93 -33.86 3.67
N LEU A 39 29.16 -33.40 4.65
CA LEU A 39 28.56 -34.34 5.58
C LEU A 39 27.61 -35.29 4.85
N ASN A 40 26.82 -34.74 3.92
CA ASN A 40 25.86 -35.56 3.20
C ASN A 40 26.57 -36.67 2.44
N VAL A 41 27.68 -36.35 1.78
CA VAL A 41 28.39 -37.38 1.03
C VAL A 41 29.09 -38.35 1.98
N LEU A 42 29.53 -37.88 3.14
CA LEU A 42 30.31 -38.73 4.04
C LEU A 42 29.45 -39.81 4.70
N VAL A 43 28.18 -39.50 5.02
CA VAL A 43 27.37 -40.46 5.78
C VAL A 43 27.34 -41.87 5.18
N PRO A 44 27.10 -42.04 3.88
CA PRO A 44 27.03 -43.42 3.35
C PRO A 44 28.31 -44.20 3.53
N ILE A 45 29.45 -43.53 3.66
CA ILE A 45 30.70 -44.25 3.92
C ILE A 45 30.61 -44.98 5.26
N PHE A 46 30.14 -44.29 6.30
CA PHE A 46 29.93 -44.98 7.56
C PHE A 46 28.81 -46.00 7.48
N TYR A 47 27.80 -45.78 6.63
CA TYR A 47 26.80 -46.83 6.47
C TYR A 47 27.46 -48.12 5.95
N ARG A 48 28.26 -48.00 4.91
CA ARG A 48 28.96 -49.16 4.41
C ARG A 48 29.78 -49.79 5.51
N ASN A 49 30.43 -48.96 6.31
CA ASN A 49 31.30 -49.47 7.36
C ASN A 49 30.56 -50.36 8.32
N ILE A 50 29.46 -49.86 8.85
CA ILE A 50 28.74 -50.64 9.83
C ILE A 50 28.32 -51.95 9.18
N VAL A 51 28.08 -51.90 7.87
CA VAL A 51 27.64 -53.10 7.18
C VAL A 51 28.66 -54.19 7.34
N ASN A 52 29.91 -53.88 7.03
CA ASN A 52 30.96 -54.87 7.13
C ASN A 52 31.14 -55.29 8.59
N LEU A 53 31.05 -54.33 9.49
CA LEU A 53 31.20 -54.65 10.89
C LEU A 53 30.20 -55.71 11.25
N LEU A 54 28.98 -55.52 10.78
CA LEU A 54 27.96 -56.49 11.04
C LEU A 54 28.39 -57.82 10.49
N THR A 55 28.89 -57.81 9.26
CA THR A 55 29.24 -59.06 8.62
C THR A 55 30.10 -59.95 9.49
N GLU A 56 31.15 -59.38 10.10
CA GLU A 56 32.06 -60.26 10.82
C GLU A 56 31.51 -60.73 12.16
N LYS A 57 30.39 -60.17 12.61
CA LYS A 57 29.85 -60.45 13.94
C LYS A 57 30.85 -60.10 15.03
N ALA A 58 31.21 -58.82 15.10
CA ALA A 58 32.18 -58.31 16.05
C ALA A 58 31.55 -58.21 17.44
N PRO A 59 32.37 -58.03 18.49
CA PRO A 59 31.80 -57.86 19.84
C PRO A 59 30.85 -56.67 19.91
N TRP A 60 30.05 -56.65 20.98
CA TRP A 60 28.96 -55.68 21.08
C TRP A 60 29.47 -54.26 21.31
N ASN A 61 30.62 -54.12 21.98
CA ASN A 61 31.13 -52.79 22.29
C ASN A 61 31.45 -51.98 21.03
N SER A 62 32.23 -52.58 20.12
CA SER A 62 32.62 -51.84 18.91
C SER A 62 31.42 -51.54 18.04
N LEU A 63 30.51 -52.50 17.87
CA LEU A 63 29.34 -52.25 17.04
C LEU A 63 28.45 -51.19 17.66
N ALA A 64 28.29 -51.20 18.99
CA ALA A 64 27.50 -50.17 19.65
C ALA A 64 28.13 -48.79 19.48
N TRP A 65 29.46 -48.71 19.61
CA TRP A 65 30.14 -47.43 19.40
C TRP A 65 29.95 -46.92 17.98
N THR A 66 30.08 -47.81 17.00
CA THR A 66 29.85 -47.41 15.61
C THR A 66 28.41 -46.99 15.39
N VAL A 67 27.46 -47.69 16.02
CA VAL A 67 26.05 -47.31 15.92
C VAL A 67 25.84 -45.92 16.46
N THR A 68 26.46 -45.61 17.61
CA THR A 68 26.32 -44.28 18.20
C THR A 68 26.90 -43.22 17.27
N SER A 69 28.07 -43.47 16.71
CA SER A 69 28.65 -42.51 15.78
C SER A 69 27.74 -42.31 14.57
N TYR A 70 27.21 -43.40 14.02
CA TYR A 70 26.37 -43.31 12.84
C TYR A 70 25.10 -42.52 13.13
N VAL A 71 24.45 -42.78 14.25
CA VAL A 71 23.21 -42.07 14.54
C VAL A 71 23.51 -40.60 14.84
N PHE A 72 24.64 -40.32 15.49
CA PHE A 72 25.05 -38.93 15.69
C PHE A 72 25.16 -38.21 14.35
N LEU A 73 25.90 -38.80 13.41
CA LEU A 73 26.10 -38.12 12.14
C LEU A 73 24.83 -38.07 11.32
N LYS A 74 23.95 -39.07 11.43
CA LYS A 74 22.69 -39.02 10.71
C LYS A 74 21.80 -37.91 11.24
N PHE A 75 21.78 -37.73 12.56
CA PHE A 75 21.05 -36.62 13.12
C PHE A 75 21.61 -35.29 12.65
N LEU A 76 22.94 -35.17 12.60
CA LEU A 76 23.54 -33.89 12.20
C LEU A 76 23.36 -33.62 10.71
N GLN A 77 23.25 -34.67 9.89
CA GLN A 77 23.10 -34.45 8.46
C GLN A 77 21.71 -33.95 8.12
N GLY A 78 20.69 -34.49 8.77
CA GLY A 78 19.33 -34.03 8.58
C GLY A 78 18.48 -34.88 7.66
N GLY A 79 19.06 -35.67 6.80
CA GLY A 79 18.27 -36.59 5.99
C GLY A 79 17.73 -36.05 4.67
N GLY A 80 18.61 -35.44 3.87
CA GLY A 80 18.32 -35.31 2.45
C GLY A 80 17.13 -34.42 2.13
N THR A 81 16.00 -35.08 1.83
CA THR A 81 14.85 -34.56 1.08
C THR A 81 14.50 -33.14 1.52
N GLY A 82 14.05 -32.92 2.74
CA GLY A 82 13.63 -31.60 3.16
C GLY A 82 14.69 -30.80 3.87
N SER A 83 15.88 -31.35 4.05
CA SER A 83 16.96 -30.71 4.81
C SER A 83 16.45 -30.24 6.17
N THR A 84 15.52 -30.99 6.74
CA THR A 84 14.96 -30.64 8.04
C THR A 84 15.80 -31.29 9.13
N GLY A 85 17.04 -30.82 9.22
CA GLY A 85 17.97 -31.31 10.20
C GLY A 85 18.71 -30.17 10.87
N PHE A 86 19.42 -30.52 11.94
CA PHE A 86 20.09 -29.53 12.78
C PHE A 86 20.95 -28.57 12.00
N VAL A 87 22.02 -29.06 11.39
CA VAL A 87 22.96 -28.15 10.73
C VAL A 87 22.25 -27.34 9.66
N SER A 88 21.22 -27.90 9.04
CA SER A 88 20.48 -27.12 8.06
C SER A 88 19.66 -26.02 8.74
N ASN A 89 18.94 -26.33 9.81
CA ASN A 89 18.11 -25.32 10.44
C ASN A 89 18.94 -24.19 11.04
N LEU A 90 20.07 -24.52 11.67
CA LEU A 90 20.87 -23.48 12.30
C LEU A 90 21.20 -22.39 11.31
N ARG A 91 21.35 -22.74 10.04
CA ARG A 91 21.59 -21.73 9.01
C ARG A 91 20.45 -20.71 8.98
N THR A 92 19.21 -21.18 8.88
CA THR A 92 18.10 -20.25 8.79
C THR A 92 18.02 -19.36 10.02
N PHE A 93 18.08 -19.96 11.20
CA PHE A 93 17.90 -19.18 12.42
C PHE A 93 19.03 -18.18 12.63
N LEU A 94 20.25 -18.52 12.25
CA LEU A 94 21.31 -17.53 12.31
C LEU A 94 21.33 -16.61 11.11
N TRP A 95 20.44 -16.84 10.14
CA TRP A 95 20.30 -15.93 9.03
C TRP A 95 19.27 -14.86 9.30
N ILE A 96 18.26 -15.15 10.13
CA ILE A 96 17.19 -14.20 10.35
C ILE A 96 17.67 -12.92 11.01
N ARG A 97 18.96 -12.81 11.31
CA ARG A 97 19.46 -11.55 11.86
C ARG A 97 20.02 -10.65 10.77
N VAL A 98 20.91 -11.15 9.91
CA VAL A 98 21.50 -10.27 8.91
C VAL A 98 20.47 -9.78 7.92
N GLN A 99 19.44 -10.56 7.62
CA GLN A 99 18.45 -10.07 6.69
C GLN A 99 17.74 -8.85 7.23
N GLN A 100 17.40 -8.85 8.52
CA GLN A 100 16.69 -7.72 9.09
C GLN A 100 17.48 -6.43 8.99
N PHE A 101 18.79 -6.50 9.15
CA PHE A 101 19.60 -5.31 9.00
C PHE A 101 19.43 -4.71 7.60
N THR A 102 19.62 -5.52 6.56
CA THR A 102 19.53 -4.94 5.24
C THR A 102 18.11 -4.60 4.84
N SER A 103 17.10 -5.17 5.50
CA SER A 103 15.74 -4.74 5.20
C SER A 103 15.45 -3.40 5.87
N ARG A 104 15.99 -3.18 7.07
CA ARG A 104 15.80 -1.88 7.70
C ARG A 104 16.48 -0.79 6.90
N ARG A 105 17.74 -1.01 6.52
CA ARG A 105 18.48 0.11 5.96
C ARG A 105 17.92 0.57 4.62
N VAL A 106 17.41 -0.33 3.78
CA VAL A 106 16.86 0.13 2.52
C VAL A 106 15.60 0.95 2.75
N GLU A 107 14.65 0.44 3.54
CA GLU A 107 13.39 1.14 3.67
C GLU A 107 13.56 2.49 4.36
N LEU A 108 14.25 2.51 5.49
CA LEU A 108 14.49 3.77 6.17
C LEU A 108 15.43 4.67 5.38
N LEU A 109 15.88 4.23 4.20
CA LEU A 109 16.57 5.16 3.31
C LEU A 109 15.59 5.96 2.49
N ILE A 110 14.78 5.29 1.65
CA ILE A 110 13.97 6.06 0.71
C ILE A 110 12.96 6.92 1.45
N PHE A 111 12.50 6.49 2.62
CA PHE A 111 11.61 7.34 3.38
C PHE A 111 12.29 8.65 3.76
N SER A 112 13.54 8.58 4.17
CA SER A 112 14.24 9.83 4.44
C SER A 112 14.53 10.59 3.17
N HIS A 113 14.24 10.02 2.01
CA HIS A 113 14.38 10.79 0.79
C HIS A 113 13.08 11.46 0.38
N LEU A 114 11.94 10.80 0.57
CA LEU A 114 10.69 11.40 0.15
C LEU A 114 10.38 12.69 0.88
N HIS A 115 11.06 12.97 1.97
CA HIS A 115 10.83 14.21 2.70
C HIS A 115 11.88 15.26 2.38
N GLU A 116 12.53 15.19 1.23
CA GLU A 116 13.43 16.26 0.83
C GLU A 116 13.25 16.74 -0.59
N LEU A 117 12.38 16.11 -1.38
CA LEU A 117 12.14 16.67 -2.70
C LEU A 117 11.38 17.99 -2.55
N SER A 118 11.49 18.84 -3.56
CA SER A 118 10.79 20.10 -3.48
C SER A 118 9.29 19.90 -3.62
N LEU A 119 8.54 20.93 -3.27
CA LEU A 119 7.10 20.78 -3.16
C LEU A 119 6.46 20.42 -4.50
N ARG A 120 7.06 20.83 -5.61
CA ARG A 120 6.44 20.59 -6.90
C ARG A 120 6.27 19.10 -7.16
N TRP A 121 7.34 18.35 -6.96
CA TRP A 121 7.23 16.90 -7.16
C TRP A 121 6.20 16.31 -6.23
N HIS A 122 6.01 16.90 -5.05
CA HIS A 122 4.96 16.40 -4.16
C HIS A 122 3.58 16.58 -4.77
N LEU A 123 3.27 17.80 -5.22
CA LEU A 123 1.94 18.01 -5.77
C LEU A 123 1.72 17.16 -7.00
N GLY A 124 2.76 16.93 -7.80
CA GLY A 124 2.53 16.19 -9.01
C GLY A 124 2.45 14.69 -8.87
N ARG A 125 2.62 14.14 -7.68
CA ARG A 125 2.69 12.70 -7.55
C ARG A 125 1.30 12.09 -7.59
N ARG A 126 1.26 10.78 -7.49
CA ARG A 126 0.02 10.05 -7.35
C ARG A 126 0.22 8.99 -6.29
N THR A 127 -0.51 9.10 -5.17
CA THR A 127 -0.12 8.44 -3.94
C THR A 127 0.03 6.93 -4.11
N GLY A 128 -0.83 6.33 -4.92
CA GLY A 128 -0.74 4.89 -5.11
C GLY A 128 0.61 4.46 -5.64
N GLU A 129 1.13 5.17 -6.62
CA GLU A 129 2.38 4.77 -7.23
C GLU A 129 3.53 4.81 -6.22
N VAL A 130 3.70 5.95 -5.56
CA VAL A 130 4.84 6.08 -4.65
C VAL A 130 4.68 5.13 -3.48
N LEU A 131 3.47 4.93 -3.01
CA LEU A 131 3.28 3.95 -1.94
C LEU A 131 3.65 2.55 -2.41
N ARG A 132 3.37 2.22 -3.66
CA ARG A 132 3.67 0.86 -4.10
C ARG A 132 5.15 0.64 -4.34
N ILE A 133 5.87 1.62 -4.89
CA ILE A 133 7.25 1.37 -5.29
C ILE A 133 8.08 0.88 -4.12
N ALA A 134 7.90 1.47 -2.94
CA ALA A 134 8.67 1.02 -1.79
C ALA A 134 8.40 -0.44 -1.48
N ASP A 135 7.15 -0.88 -1.61
CA ASP A 135 6.81 -2.26 -1.28
C ASP A 135 7.53 -3.23 -2.20
N ARG A 136 7.40 -3.04 -3.52
CA ARG A 136 8.14 -3.88 -4.45
C ARG A 136 9.63 -3.69 -4.33
N GLY A 137 10.07 -2.51 -3.94
CA GLY A 137 11.48 -2.28 -3.87
C GLY A 137 12.19 -3.08 -2.80
N THR A 138 11.83 -2.89 -1.54
CA THR A 138 12.55 -3.55 -0.46
C THR A 138 12.52 -5.06 -0.61
N SER A 139 11.41 -5.62 -1.09
CA SER A 139 11.37 -7.06 -1.30
C SER A 139 12.41 -7.49 -2.31
N SER A 140 12.69 -6.65 -3.30
CA SER A 140 13.68 -7.02 -4.29
C SER A 140 15.06 -7.22 -3.66
N VAL A 141 15.50 -6.28 -2.82
CA VAL A 141 16.82 -6.43 -2.21
C VAL A 141 16.84 -7.58 -1.22
N THR A 142 15.82 -7.66 -0.35
CA THR A 142 15.84 -8.75 0.61
C THR A 142 15.68 -10.10 -0.06
N GLY A 143 15.28 -10.12 -1.33
CA GLY A 143 15.29 -11.37 -2.07
C GLY A 143 16.64 -11.63 -2.71
N LEU A 144 17.24 -10.61 -3.30
CA LEU A 144 18.54 -10.80 -3.94
C LEU A 144 19.57 -11.28 -2.93
N LEU A 145 19.69 -10.60 -1.79
CA LEU A 145 20.78 -10.92 -0.88
C LEU A 145 20.63 -12.32 -0.30
N SER A 146 19.41 -12.69 0.10
CA SER A 146 19.20 -14.04 0.62
C SER A 146 19.21 -15.07 -0.49
N TYR A 147 19.54 -14.65 -1.71
CA TYR A 147 19.59 -15.58 -2.82
C TYR A 147 21.00 -15.69 -3.37
N LEU A 148 21.83 -14.68 -3.15
CA LEU A 148 23.16 -14.68 -3.71
C LEU A 148 24.10 -15.59 -2.93
N VAL A 149 23.93 -15.66 -1.62
CA VAL A 149 24.89 -16.39 -0.79
C VAL A 149 24.56 -17.87 -0.72
N PHE A 150 23.28 -18.22 -0.66
CA PHE A 150 22.96 -19.64 -0.56
C PHE A 150 23.32 -20.43 -1.82
N ASN A 151 23.07 -19.88 -3.00
CA ASN A 151 23.14 -20.72 -4.18
C ASN A 151 24.29 -20.37 -5.11
N VAL A 152 24.43 -19.10 -5.53
CA VAL A 152 25.39 -18.79 -6.59
C VAL A 152 26.80 -19.11 -6.15
N ILE A 153 27.21 -18.64 -4.98
CA ILE A 153 28.59 -18.88 -4.54
C ILE A 153 28.92 -20.37 -4.44
N PRO A 154 28.10 -21.21 -3.82
CA PRO A 154 28.45 -22.65 -3.78
C PRO A 154 28.57 -23.27 -5.16
N THR A 155 27.58 -23.07 -6.03
CA THR A 155 27.65 -23.67 -7.36
C THR A 155 28.88 -23.17 -8.12
N LEU A 156 29.14 -21.88 -8.07
CA LEU A 156 30.27 -21.34 -8.80
C LEU A 156 31.58 -21.92 -8.29
N ALA A 157 31.74 -21.98 -6.97
CA ALA A 157 32.97 -22.52 -6.42
C ALA A 157 33.13 -23.99 -6.78
N ASP A 158 32.03 -24.75 -6.72
CA ASP A 158 32.12 -26.18 -7.04
C ASP A 158 32.54 -26.38 -8.49
N ILE A 159 31.97 -25.61 -9.41
CA ILE A 159 32.31 -25.79 -10.82
C ILE A 159 33.73 -25.33 -11.10
N ILE A 160 34.19 -24.25 -10.44
CA ILE A 160 35.56 -23.81 -10.69
C ILE A 160 36.55 -24.83 -10.13
N ILE A 161 36.19 -25.50 -9.03
CA ILE A 161 37.03 -26.61 -8.55
C ILE A 161 37.03 -27.74 -9.57
N GLY A 162 35.85 -28.07 -10.10
CA GLY A 162 35.77 -29.14 -11.08
C GLY A 162 36.59 -28.89 -12.31
N ILE A 163 36.68 -27.62 -12.73
CA ILE A 163 37.48 -27.32 -13.92
C ILE A 163 38.96 -27.23 -13.56
N ILE A 164 39.30 -26.73 -12.36
CA ILE A 164 40.69 -26.79 -11.92
C ILE A 164 41.11 -28.24 -11.71
N TYR A 165 40.26 -29.04 -11.10
CA TYR A 165 40.51 -30.46 -11.07
C TYR A 165 40.29 -31.03 -12.47
N PHE A 166 40.72 -32.28 -12.65
CA PHE A 166 40.65 -33.04 -13.90
C PHE A 166 41.57 -32.46 -14.95
N SER A 167 42.25 -31.35 -14.71
CA SER A 167 43.20 -30.83 -15.68
C SER A 167 44.42 -31.73 -15.79
N MET A 168 44.94 -32.19 -14.66
CA MET A 168 46.03 -33.15 -14.68
C MET A 168 45.55 -34.53 -15.10
N PHE A 169 44.28 -34.85 -14.80
CA PHE A 169 43.75 -36.16 -15.13
C PHE A 169 43.69 -36.36 -16.65
N PHE A 170 43.36 -35.32 -17.39
CA PHE A 170 43.52 -35.25 -18.83
C PHE A 170 44.78 -34.46 -19.19
N ASN A 171 44.92 -34.15 -20.47
CA ASN A 171 46.09 -33.43 -20.95
C ASN A 171 46.13 -32.02 -20.38
N ALA A 172 47.28 -31.36 -20.56
CA ALA A 172 47.47 -30.03 -19.99
C ALA A 172 46.52 -29.01 -20.60
N TRP A 173 46.29 -29.08 -21.90
CA TRP A 173 45.49 -28.07 -22.59
C TRP A 173 43.99 -28.28 -22.42
N PHE A 174 43.57 -29.36 -21.78
CA PHE A 174 42.14 -29.68 -21.73
C PHE A 174 41.33 -28.62 -21.01
N GLY A 175 41.94 -27.88 -20.09
CA GLY A 175 41.19 -26.89 -19.33
C GLY A 175 40.69 -25.73 -20.18
N LEU A 176 41.49 -25.33 -21.17
CA LEU A 176 41.13 -24.16 -21.98
C LEU A 176 39.85 -24.41 -22.74
N ILE A 177 39.69 -25.60 -23.31
CA ILE A 177 38.49 -25.88 -24.11
C ILE A 177 37.25 -25.89 -23.23
N VAL A 178 37.37 -26.41 -22.01
CA VAL A 178 36.22 -26.41 -21.10
C VAL A 178 35.86 -24.98 -20.72
N PHE A 179 36.86 -24.15 -20.42
CA PHE A 179 36.58 -22.77 -20.06
C PHE A 179 35.92 -22.03 -21.23
N LEU A 180 36.43 -22.24 -22.43
CA LEU A 180 35.85 -21.58 -23.60
C LEU A 180 34.43 -22.09 -23.88
N CYS A 181 34.18 -23.38 -23.64
CA CYS A 181 32.84 -23.91 -23.82
C CYS A 181 31.87 -23.27 -22.83
N MET A 182 32.28 -23.13 -21.58
CA MET A 182 31.41 -22.48 -20.60
C MET A 182 31.14 -21.04 -20.99
N SER A 183 32.19 -20.31 -21.41
CA SER A 183 31.99 -18.91 -21.79
C SER A 183 31.08 -18.79 -23.00
N LEU A 184 31.25 -19.67 -23.99
CA LEU A 184 30.41 -19.61 -25.18
C LEU A 184 28.97 -19.97 -24.84
N TYR A 185 28.76 -20.93 -23.95
CA TYR A 185 27.39 -21.24 -23.52
C TYR A 185 26.76 -20.04 -22.82
N LEU A 186 27.53 -19.36 -21.97
CA LEU A 186 27.00 -18.18 -21.31
C LEU A 186 26.61 -17.12 -22.34
N THR A 187 27.50 -16.82 -23.28
CA THR A 187 27.24 -15.70 -24.17
C THR A 187 26.08 -15.98 -25.10
N LEU A 188 25.76 -17.25 -25.34
CA LEU A 188 24.62 -17.55 -26.20
C LEU A 188 23.30 -17.29 -25.49
N THR A 189 23.19 -17.71 -24.23
CA THR A 189 21.93 -17.52 -23.53
C THR A 189 21.66 -16.07 -23.16
N ILE A 190 22.63 -15.17 -23.35
CA ILE A 190 22.39 -13.77 -23.06
C ILE A 190 21.54 -13.13 -24.14
N VAL A 191 21.89 -13.32 -25.40
CA VAL A 191 21.16 -12.67 -26.48
C VAL A 191 19.74 -13.19 -26.55
N VAL A 192 19.52 -14.44 -26.15
CA VAL A 192 18.17 -14.97 -26.26
C VAL A 192 17.27 -14.41 -25.16
N THR A 193 17.85 -13.92 -24.06
CA THR A 193 16.99 -13.52 -22.95
C THR A 193 16.45 -12.11 -23.10
N GLU A 194 16.84 -11.34 -24.12
CA GLU A 194 16.25 -10.03 -24.33
C GLU A 194 14.81 -10.11 -24.81
N TRP A 195 14.32 -11.32 -25.06
CA TRP A 195 12.92 -11.49 -25.41
C TRP A 195 12.01 -11.25 -24.20
N ARG A 196 12.59 -11.09 -23.01
CA ARG A 196 11.78 -11.00 -21.81
C ARG A 196 11.60 -9.56 -21.34
N THR A 197 12.65 -8.76 -21.45
CA THR A 197 12.68 -7.49 -20.74
C THR A 197 11.53 -6.59 -21.17
N LYS A 198 11.19 -6.60 -22.44
CA LYS A 198 10.11 -5.74 -22.90
C LYS A 198 8.80 -6.07 -22.20
N PHE A 199 8.44 -7.35 -22.12
CA PHE A 199 7.17 -7.70 -21.49
C PHE A 199 7.18 -7.42 -20.01
N ARG A 200 8.29 -7.72 -19.32
CA ARG A 200 8.28 -7.41 -17.89
C ARG A 200 8.14 -5.91 -17.67
N ARG A 201 8.82 -5.10 -18.48
CA ARG A 201 8.72 -3.66 -18.30
C ARG A 201 7.30 -3.18 -18.56
N ALA A 202 6.64 -3.74 -19.57
CA ALA A 202 5.26 -3.35 -19.82
C ALA A 202 4.36 -3.71 -18.66
N MET A 203 4.45 -4.95 -18.16
CA MET A 203 3.74 -5.31 -16.94
C MET A 203 3.91 -4.25 -15.89
N ASN A 204 5.16 -3.99 -15.54
CA ASN A 204 5.42 -3.16 -14.39
C ASN A 204 4.86 -1.76 -14.59
N THR A 205 5.15 -1.11 -15.71
CA THR A 205 4.70 0.26 -15.84
C THR A 205 3.21 0.34 -16.09
N GLN A 206 2.53 -0.77 -16.32
CA GLN A 206 1.07 -0.71 -16.33
C GLN A 206 0.45 -1.11 -15.01
N GLU A 207 1.21 -1.74 -14.13
CA GLU A 207 0.69 -2.07 -12.82
C GLU A 207 0.54 -0.85 -11.94
N ASN A 208 1.43 0.13 -12.10
CA ASN A 208 1.40 1.28 -11.20
C ASN A 208 0.08 2.02 -11.29
N ALA A 209 -0.42 2.26 -12.50
CA ALA A 209 -1.66 3.01 -12.63
C ALA A 209 -2.81 2.30 -11.94
N THR A 210 -2.92 0.97 -12.11
CA THR A 210 -4.07 0.27 -11.56
C THR A 210 -4.07 0.28 -10.04
N ARG A 211 -2.98 0.69 -9.41
CA ARG A 211 -3.02 1.06 -8.01
C ARG A 211 -3.59 2.45 -7.81
N ALA A 212 -3.27 3.39 -8.70
CA ALA A 212 -3.74 4.75 -8.53
C ALA A 212 -5.24 4.82 -8.54
N ARG A 213 -5.90 4.03 -9.39
CA ARG A 213 -7.35 4.05 -9.43
C ARG A 213 -7.94 3.55 -8.13
N ALA A 214 -7.16 2.85 -7.31
CA ALA A 214 -7.68 2.40 -6.04
C ALA A 214 -7.54 3.47 -4.97
N VAL A 215 -6.32 3.77 -4.56
CA VAL A 215 -6.11 4.61 -3.39
C VAL A 215 -6.60 6.01 -3.64
N ASP A 216 -6.51 6.48 -4.88
CA ASP A 216 -7.07 7.79 -5.19
C ASP A 216 -8.58 7.78 -5.00
N SER A 217 -9.25 6.72 -5.42
CA SER A 217 -10.70 6.68 -5.30
C SER A 217 -11.12 6.58 -3.85
N LEU A 218 -10.53 5.65 -3.10
CA LEU A 218 -10.91 5.47 -1.71
C LEU A 218 -10.62 6.72 -0.88
N LEU A 219 -9.61 7.50 -1.28
CA LEU A 219 -9.17 8.61 -0.45
C LEU A 219 -10.26 9.63 -0.23
N ASN A 220 -11.00 9.97 -1.29
CA ASN A 220 -12.10 10.92 -1.15
C ASN A 220 -13.43 10.16 -1.17
N PHE A 221 -13.80 9.70 0.02
CA PHE A 221 -15.04 8.96 0.17
C PHE A 221 -16.26 9.84 -0.03
N GLU A 222 -16.22 11.05 0.53
CA GLU A 222 -17.40 11.90 0.56
C GLU A 222 -17.85 12.27 -0.85
N THR A 223 -16.91 12.50 -1.76
CA THR A 223 -17.32 12.87 -3.10
C THR A 223 -17.95 11.69 -3.84
N VAL A 224 -17.44 10.48 -3.64
CA VAL A 224 -18.00 9.36 -4.39
C VAL A 224 -19.34 8.98 -3.78
N LYS A 225 -19.63 9.42 -2.57
CA LYS A 225 -20.98 9.10 -2.11
C LYS A 225 -21.98 10.20 -2.40
N TYR A 226 -21.58 11.47 -2.40
CA TYR A 226 -22.56 12.54 -2.63
C TYR A 226 -23.32 12.32 -3.93
N TYR A 227 -22.64 12.40 -5.06
CA TYR A 227 -23.27 11.98 -6.29
C TYR A 227 -23.43 10.48 -6.28
N ASN A 228 -24.38 9.98 -7.06
CA ASN A 228 -24.58 8.54 -7.06
C ASN A 228 -23.49 7.86 -7.86
N ALA A 229 -22.94 6.80 -7.27
CA ALA A 229 -21.75 6.11 -7.73
C ALA A 229 -21.84 4.71 -7.15
N GLU A 230 -20.70 4.04 -7.04
CA GLU A 230 -20.55 2.69 -6.49
C GLU A 230 -20.86 1.64 -7.53
N SER A 231 -21.35 2.03 -8.70
CA SER A 231 -21.47 1.14 -9.83
C SER A 231 -20.67 1.62 -11.02
N TYR A 232 -20.33 2.91 -11.05
CA TYR A 232 -19.32 3.37 -11.97
C TYR A 232 -17.93 2.97 -11.50
N GLU A 233 -17.67 3.08 -10.20
CA GLU A 233 -16.31 2.91 -9.73
C GLU A 233 -15.89 1.44 -9.71
N VAL A 234 -16.77 0.55 -9.25
CA VAL A 234 -16.43 -0.87 -9.31
C VAL A 234 -16.16 -1.29 -10.74
N GLU A 235 -17.03 -0.87 -11.66
CA GLU A 235 -16.84 -1.23 -13.05
C GLU A 235 -15.50 -0.73 -13.56
N ARG A 236 -15.18 0.53 -13.32
CA ARG A 236 -13.92 1.06 -13.83
C ARG A 236 -12.74 0.35 -13.20
N TYR A 237 -12.86 -0.06 -11.94
CA TYR A 237 -11.75 -0.79 -11.34
C TYR A 237 -11.57 -2.14 -12.00
N ARG A 238 -12.65 -2.84 -12.31
CA ARG A 238 -12.50 -4.12 -12.98
C ARG A 238 -11.79 -3.95 -14.30
N GLU A 239 -12.23 -2.98 -15.10
CA GLU A 239 -11.72 -2.85 -16.46
C GLU A 239 -10.25 -2.47 -16.44
N ALA A 240 -9.72 -2.06 -15.29
CA ALA A 240 -8.29 -1.86 -15.21
C ALA A 240 -7.56 -3.14 -14.79
N ILE A 241 -8.28 -4.11 -14.21
CA ILE A 241 -7.65 -5.38 -13.90
C ILE A 241 -7.42 -6.21 -15.15
N ILE A 242 -8.41 -6.25 -16.04
CA ILE A 242 -8.34 -7.13 -17.21
C ILE A 242 -7.10 -6.81 -18.04
N LYS A 243 -6.78 -5.52 -18.18
CA LYS A 243 -5.58 -5.16 -18.91
C LYS A 243 -4.34 -5.77 -18.27
N TYR A 244 -4.22 -5.67 -16.95
CA TYR A 244 -3.08 -6.24 -16.25
C TYR A 244 -3.09 -7.75 -16.33
N GLN A 245 -4.27 -8.36 -16.22
CA GLN A 245 -4.44 -9.78 -16.55
C GLN A 245 -3.75 -10.16 -17.85
N GLY A 246 -4.24 -9.60 -18.95
CA GLY A 246 -3.72 -9.97 -20.25
C GLY A 246 -2.24 -9.68 -20.35
N LEU A 247 -1.80 -8.56 -19.81
CA LEU A 247 -0.39 -8.25 -19.96
C LEU A 247 0.49 -9.16 -19.12
N GLU A 248 -0.05 -9.77 -18.07
CA GLU A 248 0.73 -10.77 -17.37
C GLU A 248 0.82 -12.05 -18.16
N TRP A 249 -0.32 -12.51 -18.68
CA TRP A 249 -0.37 -13.84 -19.25
C TRP A 249 0.63 -14.00 -20.39
N LYS A 250 1.04 -12.91 -21.01
CA LYS A 250 2.13 -13.00 -21.96
C LYS A 250 3.46 -13.21 -21.25
N SER A 251 3.74 -12.44 -20.21
CA SER A 251 5.06 -12.53 -19.61
C SER A 251 5.27 -13.87 -18.93
N SER A 252 4.28 -14.35 -18.18
CA SER A 252 4.47 -15.62 -17.49
C SER A 252 4.66 -16.76 -18.47
N ALA A 253 3.85 -16.81 -19.53
CA ALA A 253 4.02 -17.87 -20.51
C ALA A 253 5.37 -17.78 -21.19
N SER A 254 5.82 -16.57 -21.48
CA SER A 254 7.06 -16.43 -22.23
C SER A 254 8.24 -16.96 -21.43
N LEU A 255 8.06 -17.22 -20.14
CA LEU A 255 9.13 -17.87 -19.38
C LEU A 255 9.22 -19.35 -19.71
N VAL A 256 8.08 -20.04 -19.77
CA VAL A 256 8.08 -21.49 -19.92
C VAL A 256 8.65 -21.89 -21.27
N LEU A 257 8.28 -21.17 -22.33
CA LEU A 257 8.82 -21.51 -23.65
C LEU A 257 10.33 -21.37 -23.67
N LEU A 258 10.85 -20.30 -23.07
CA LEU A 258 12.28 -20.15 -23.01
C LEU A 258 12.91 -21.26 -22.20
N ASN A 259 12.20 -21.75 -21.18
CA ASN A 259 12.73 -22.85 -20.38
C ASN A 259 12.85 -24.13 -21.22
N GLN A 260 11.80 -24.47 -21.95
CA GLN A 260 11.84 -25.71 -22.74
C GLN A 260 12.86 -25.61 -23.86
N THR A 261 12.90 -24.48 -24.56
CA THR A 261 13.83 -24.39 -25.67
C THR A 261 15.28 -24.45 -25.18
N GLN A 262 15.54 -24.00 -23.96
CA GLN A 262 16.85 -24.18 -23.37
C GLN A 262 17.17 -25.66 -23.16
N ASN A 263 16.20 -26.42 -22.66
CA ASN A 263 16.43 -27.83 -22.33
C ASN A 263 16.62 -28.67 -23.58
N LEU A 264 15.79 -28.44 -24.61
CA LEU A 264 15.76 -29.32 -25.77
C LEU A 264 17.07 -29.28 -26.53
N VAL A 265 17.66 -28.10 -26.66
CA VAL A 265 18.92 -28.01 -27.40
C VAL A 265 20.00 -28.83 -26.71
N ILE A 266 20.07 -28.75 -25.38
CA ILE A 266 21.06 -29.54 -24.64
C ILE A 266 20.75 -31.04 -24.78
N GLY A 267 19.46 -31.39 -24.70
CA GLY A 267 19.10 -32.80 -24.80
C GLY A 267 19.53 -33.42 -26.11
N LEU A 268 19.25 -32.74 -27.23
CA LEU A 268 19.69 -33.30 -28.51
C LEU A 268 21.18 -33.13 -28.74
N GLY A 269 21.81 -32.13 -28.13
CA GLY A 269 23.27 -32.06 -28.17
C GLY A 269 23.90 -33.28 -27.54
N LEU A 270 23.31 -33.76 -26.45
CA LEU A 270 23.80 -35.00 -25.84
C LEU A 270 23.35 -36.24 -26.63
N LEU A 271 22.17 -36.16 -27.24
CA LEU A 271 21.69 -37.28 -28.06
C LEU A 271 22.61 -37.52 -29.24
N ALA A 272 23.24 -36.46 -29.75
CA ALA A 272 24.20 -36.64 -30.85
C ALA A 272 25.36 -37.53 -30.41
N GLY A 273 25.92 -37.27 -29.23
CA GLY A 273 26.99 -38.12 -28.73
C GLY A 273 26.52 -39.52 -28.43
N SER A 274 25.30 -39.65 -27.90
CA SER A 274 24.75 -40.98 -27.64
C SER A 274 24.60 -41.78 -28.93
N LEU A 275 24.14 -41.13 -30.00
CA LEU A 275 23.98 -41.82 -31.27
C LEU A 275 25.33 -42.11 -31.90
N LEU A 276 26.33 -41.27 -31.64
CA LEU A 276 27.70 -41.57 -32.08
C LEU A 276 28.21 -42.83 -31.40
N CYS A 277 27.98 -42.95 -30.09
CA CYS A 277 28.37 -44.16 -29.39
C CYS A 277 27.60 -45.38 -29.91
N ALA A 278 26.33 -45.20 -30.24
CA ALA A 278 25.54 -46.28 -30.82
C ALA A 278 26.11 -46.70 -32.17
N TYR A 279 26.55 -45.73 -32.98
CA TYR A 279 27.20 -46.05 -34.25
C TYR A 279 28.48 -46.84 -34.03
N PHE A 280 29.28 -46.44 -33.05
CA PHE A 280 30.51 -47.18 -32.77
C PHE A 280 30.21 -48.61 -32.33
N VAL A 281 29.22 -48.79 -31.45
CA VAL A 281 28.85 -50.12 -30.96
C VAL A 281 28.03 -50.85 -32.01
N THR A 282 27.71 -52.11 -31.72
CA THR A 282 26.93 -53.05 -32.55
C THR A 282 27.72 -53.60 -33.74
N GLU A 283 29.03 -53.77 -33.59
CA GLU A 283 29.92 -54.36 -34.60
C GLU A 283 29.97 -53.57 -35.89
N GLN A 284 29.63 -52.27 -35.87
CA GLN A 284 29.81 -51.46 -37.05
C GLN A 284 31.30 -51.25 -37.33
N LYS A 285 32.07 -50.84 -36.32
CA LYS A 285 33.53 -50.77 -36.40
C LYS A 285 34.10 -51.35 -35.10
N LEU A 286 33.22 -51.60 -34.13
CA LEU A 286 33.65 -52.11 -32.83
C LEU A 286 32.44 -52.55 -32.01
N GLN A 287 32.69 -53.33 -30.95
CA GLN A 287 31.61 -53.71 -30.04
C GLN A 287 31.91 -53.26 -28.62
N VAL A 288 32.70 -52.21 -28.47
CA VAL A 288 33.17 -51.73 -27.17
C VAL A 288 31.99 -51.36 -26.28
N GLY A 289 31.99 -51.87 -25.05
CA GLY A 289 31.02 -51.47 -24.06
C GLY A 289 31.51 -50.34 -23.19
N ASP A 290 31.80 -49.19 -23.80
CA ASP A 290 32.35 -48.04 -23.10
C ASP A 290 31.28 -47.05 -22.66
N TYR A 291 30.05 -47.51 -22.45
CA TYR A 291 28.99 -46.61 -22.00
C TYR A 291 29.21 -46.19 -20.56
N VAL A 292 30.15 -46.84 -19.85
CA VAL A 292 30.41 -46.48 -18.46
C VAL A 292 30.91 -45.04 -18.36
N LEU A 293 31.82 -44.64 -19.25
CA LEU A 293 32.32 -43.27 -19.23
C LEU A 293 31.29 -42.29 -19.75
N PHE A 294 30.61 -42.65 -20.86
CA PHE A 294 29.67 -41.73 -21.47
C PHE A 294 28.49 -41.44 -20.55
N GLY A 295 27.99 -42.46 -19.86
CA GLY A 295 26.89 -42.25 -18.94
C GLY A 295 27.24 -41.31 -17.80
N THR A 296 28.50 -41.36 -17.36
CA THR A 296 28.96 -40.41 -16.36
C THR A 296 29.10 -39.01 -16.97
N TYR A 297 29.38 -38.94 -18.27
CA TYR A 297 29.68 -37.66 -18.90
C TYR A 297 28.44 -36.78 -19.04
N ILE A 298 27.28 -37.40 -19.26
CA ILE A 298 26.07 -36.62 -19.54
C ILE A 298 25.65 -35.83 -18.30
N ILE A 299 25.73 -36.45 -17.12
CA ILE A 299 25.27 -35.77 -15.92
C ILE A 299 26.20 -34.63 -15.53
N GLN A 300 27.52 -34.84 -15.66
CA GLN A 300 28.48 -33.86 -15.16
C GLN A 300 28.43 -32.56 -15.95
N LEU A 301 27.72 -32.56 -17.08
CA LEU A 301 27.52 -31.32 -17.81
C LEU A 301 26.06 -30.89 -17.80
N TYR A 302 25.14 -31.87 -17.73
CA TYR A 302 23.72 -31.56 -17.70
C TYR A 302 23.35 -30.82 -16.42
N MET A 303 23.92 -31.23 -15.29
CA MET A 303 23.60 -30.54 -14.04
C MET A 303 24.15 -29.13 -14.02
N PRO A 304 25.47 -28.89 -14.16
CA PRO A 304 25.98 -27.54 -13.92
C PRO A 304 25.45 -26.51 -14.91
N LEU A 305 25.41 -26.83 -16.20
CA LEU A 305 25.05 -25.82 -17.18
C LEU A 305 23.57 -25.47 -17.11
N ASN A 306 22.70 -26.48 -16.99
CA ASN A 306 21.29 -26.18 -16.82
C ASN A 306 21.05 -25.42 -15.53
N ALA A 307 21.74 -25.81 -14.45
CA ALA A 307 21.60 -25.07 -13.21
C ALA A 307 22.03 -23.63 -13.37
N PHE A 308 23.15 -23.40 -14.06
CA PHE A 308 23.67 -22.04 -14.23
C PHE A 308 22.74 -21.21 -15.09
N GLY A 309 22.11 -21.84 -16.08
CA GLY A 309 21.12 -21.13 -16.87
C GLY A 309 19.89 -20.75 -16.07
N THR A 310 19.39 -21.68 -15.25
CA THR A 310 18.08 -21.45 -14.64
C THR A 310 18.17 -20.48 -13.47
N TYR A 311 19.37 -20.05 -13.09
CA TYR A 311 19.47 -19.00 -12.08
C TYR A 311 19.67 -17.63 -12.69
N TYR A 312 20.46 -17.53 -13.75
CA TYR A 312 20.68 -16.22 -14.36
C TYR A 312 19.37 -15.55 -14.74
N ARG A 313 18.38 -16.35 -15.15
CA ARG A 313 17.06 -15.78 -15.39
C ARG A 313 16.50 -15.14 -14.14
N MET A 314 16.67 -15.78 -12.98
CA MET A 314 16.12 -15.23 -11.75
C MET A 314 16.75 -13.88 -11.43
N ILE A 315 18.06 -13.76 -11.56
CA ILE A 315 18.72 -12.50 -11.24
C ILE A 315 18.30 -11.42 -12.24
N GLN A 316 18.16 -11.79 -13.51
CA GLN A 316 17.71 -10.81 -14.48
C GLN A 316 16.32 -10.31 -14.14
N THR A 317 15.42 -11.20 -13.75
CA THR A 317 14.10 -10.77 -13.33
C THR A 317 14.19 -9.83 -12.13
N ASN A 318 15.04 -10.14 -11.16
CA ASN A 318 15.09 -9.29 -9.98
C ASN A 318 15.59 -7.89 -10.32
N PHE A 319 16.65 -7.76 -11.12
CA PHE A 319 17.04 -6.40 -11.51
C PHE A 319 15.97 -5.70 -12.32
N ILE A 320 15.36 -6.37 -13.29
CA ILE A 320 14.42 -5.61 -14.10
C ILE A 320 13.23 -5.20 -13.27
N ASP A 321 12.92 -5.94 -12.21
CA ASP A 321 11.85 -5.54 -11.32
C ASP A 321 12.27 -4.41 -10.42
N MET A 322 13.52 -4.43 -9.94
CA MET A 322 14.04 -3.33 -9.14
C MET A 322 14.02 -2.03 -9.92
N GLU A 323 14.27 -2.11 -11.23
CA GLU A 323 14.68 -0.96 -12.03
C GLU A 323 13.90 0.32 -11.72
N ASN A 324 12.63 0.18 -11.35
CA ASN A 324 11.81 1.37 -11.21
C ASN A 324 12.20 2.22 -10.00
N MET A 325 12.80 1.62 -8.99
CA MET A 325 13.06 2.40 -7.78
C MET A 325 14.15 3.38 -8.01
N PHE A 326 15.22 2.98 -8.67
CA PHE A 326 16.36 3.88 -8.76
C PHE A 326 15.92 5.30 -9.07
N ASP A 327 14.87 5.46 -9.84
CA ASP A 327 14.50 6.82 -10.16
C ASP A 327 14.10 7.64 -8.93
N LEU A 328 13.18 7.15 -8.11
CA LEU A 328 12.74 7.91 -6.95
C LEU A 328 13.90 8.12 -6.02
N LEU A 329 15.07 7.59 -6.37
CA LEU A 329 16.24 7.78 -5.55
C LEU A 329 17.34 8.50 -6.30
N LYS A 330 16.99 9.24 -7.34
CA LYS A 330 17.99 10.03 -8.07
C LYS A 330 17.42 11.34 -8.54
N GLU A 331 16.11 11.52 -8.48
CA GLU A 331 15.56 12.79 -8.87
C GLU A 331 16.04 13.79 -7.86
N GLU A 332 17.03 14.58 -8.25
CA GLU A 332 17.62 15.54 -7.31
C GLU A 332 16.66 16.62 -6.89
N THR A 333 16.98 17.31 -5.81
CA THR A 333 16.12 18.35 -5.32
C THR A 333 16.13 19.48 -6.30
N GLU A 334 15.38 20.53 -6.03
CA GLU A 334 15.36 21.67 -6.91
C GLU A 334 15.99 22.86 -6.21
N VAL A 335 15.23 23.57 -5.40
CA VAL A 335 15.84 24.63 -4.65
C VAL A 335 17.02 24.02 -3.96
N LYS A 336 18.18 24.65 -4.03
CA LYS A 336 19.39 24.04 -3.46
C LYS A 336 20.17 24.99 -2.59
N ASP A 337 20.73 24.48 -1.51
CA ASP A 337 21.48 25.34 -0.63
C ASP A 337 22.84 25.59 -1.23
N LEU A 338 23.14 26.85 -1.54
CA LEU A 338 24.44 27.16 -2.07
C LEU A 338 25.47 26.61 -1.14
N PRO A 339 26.36 25.77 -1.64
CA PRO A 339 27.32 25.14 -0.74
C PRO A 339 28.09 26.19 0.02
N GLY A 340 28.22 26.04 1.34
CA GLY A 340 28.98 26.97 2.12
C GLY A 340 28.23 28.22 2.50
N ALA A 341 27.45 28.16 3.56
CA ALA A 341 26.73 29.33 4.03
C ALA A 341 26.32 29.12 5.46
N GLY A 342 25.86 30.17 6.12
CA GLY A 342 25.52 30.05 7.53
C GLY A 342 24.14 30.52 7.93
N PRO A 343 23.95 30.75 9.22
CA PRO A 343 22.64 31.20 9.70
C PRO A 343 22.31 32.59 9.21
N LEU A 344 21.04 32.98 9.23
CA LEU A 344 20.65 34.33 8.84
C LEU A 344 20.54 35.24 10.05
N ARG A 345 21.58 36.03 10.30
CA ARG A 345 21.55 36.95 11.43
C ARG A 345 20.17 37.51 11.54
N PHE A 346 19.66 37.64 12.76
CA PHE A 346 18.28 38.06 12.90
C PHE A 346 18.19 39.27 13.81
N GLN A 347 17.41 40.26 13.39
CA GLN A 347 17.16 41.48 14.14
C GLN A 347 15.65 41.63 14.20
N LYS A 348 15.14 42.77 14.66
CA LYS A 348 13.69 42.98 14.81
C LYS A 348 12.88 42.49 13.61
N GLY A 349 13.44 42.52 12.42
CA GLY A 349 12.78 41.91 11.28
C GLY A 349 12.27 42.89 10.25
N ARG A 350 12.97 42.97 9.12
CA ARG A 350 12.58 43.83 8.01
C ARG A 350 12.72 43.02 6.72
N ILE A 351 11.63 42.91 5.96
CA ILE A 351 11.65 42.18 4.70
C ILE A 351 11.29 43.15 3.59
N GLU A 352 11.97 42.99 2.45
CA GLU A 352 11.68 43.82 1.30
C GLU A 352 11.91 43.01 0.03
N PHE A 353 11.21 43.42 -1.03
CA PHE A 353 11.37 42.84 -2.35
C PHE A 353 11.99 43.89 -3.26
N GLU A 354 12.53 43.44 -4.39
CA GLU A 354 12.81 44.39 -5.46
C GLU A 354 12.87 43.64 -6.79
N ASN A 355 11.94 44.01 -7.68
CA ASN A 355 11.89 43.58 -9.07
C ASN A 355 11.93 42.06 -9.20
N VAL A 356 10.91 41.43 -8.63
CA VAL A 356 10.77 39.99 -8.68
C VAL A 356 9.80 39.62 -9.80
N HIS A 357 10.17 38.62 -10.59
CA HIS A 357 9.29 38.00 -11.56
C HIS A 357 9.33 36.50 -11.35
N PHE A 358 8.20 35.83 -11.56
CA PHE A 358 8.15 34.40 -11.34
C PHE A 358 7.09 33.78 -12.24
N SER A 359 7.41 32.65 -12.83
CA SER A 359 6.51 31.97 -13.75
C SER A 359 6.50 30.48 -13.45
N TYR A 360 5.33 29.86 -13.52
CA TYR A 360 5.21 28.46 -13.14
C TYR A 360 5.62 27.53 -14.27
N ALA A 361 5.23 27.85 -15.50
CA ALA A 361 5.47 26.97 -16.63
C ALA A 361 5.93 27.71 -17.89
N ASP A 362 6.37 28.95 -17.75
CA ASP A 362 6.89 29.79 -18.83
C ASP A 362 5.82 30.17 -19.85
N GLY A 363 4.60 29.64 -19.72
CA GLY A 363 3.54 30.03 -20.64
C GLY A 363 3.16 31.49 -20.49
N ARG A 364 3.04 31.96 -19.25
CA ARG A 364 2.66 33.34 -19.00
C ARG A 364 3.30 33.79 -17.69
N GLU A 365 3.44 35.10 -17.55
CA GLU A 365 4.08 35.68 -16.38
C GLU A 365 3.06 35.70 -15.24
N THR A 366 3.33 34.92 -14.19
CA THR A 366 2.44 34.91 -13.05
C THR A 366 2.63 36.15 -12.17
N LEU A 367 3.84 36.68 -12.15
CA LEU A 367 4.15 37.86 -11.35
C LEU A 367 5.10 38.77 -12.10
N GLN A 368 4.72 40.03 -12.27
CA GLN A 368 5.53 40.99 -13.00
C GLN A 368 5.73 42.24 -12.17
N ASP A 369 6.99 42.57 -11.88
CA ASP A 369 7.37 43.87 -11.34
C ASP A 369 6.69 44.16 -9.99
N VAL A 370 7.03 43.37 -8.99
CA VAL A 370 6.50 43.54 -7.64
C VAL A 370 7.58 44.22 -6.80
N SER A 371 7.17 45.20 -6.00
CA SER A 371 8.12 45.94 -5.15
C SER A 371 7.38 46.56 -3.99
N PHE A 372 7.73 46.14 -2.77
CA PHE A 372 7.08 46.67 -1.58
C PHE A 372 7.93 46.36 -0.37
N THR A 373 7.94 47.28 0.59
CA THR A 373 8.74 47.15 1.80
C THR A 373 7.86 47.33 3.02
N VAL A 374 8.25 46.70 4.13
CA VAL A 374 7.53 46.80 5.37
C VAL A 374 8.52 47.05 6.51
N MET A 375 8.20 47.99 7.38
CA MET A 375 9.02 48.26 8.55
C MET A 375 8.59 47.40 9.73
N PRO A 376 9.49 47.14 10.67
CA PRO A 376 9.15 46.27 11.80
C PRO A 376 8.04 46.85 12.65
N GLY A 377 7.23 45.97 13.21
CA GLY A 377 6.15 46.38 14.09
C GLY A 377 4.90 46.88 13.40
N GLN A 378 4.84 46.81 12.08
CA GLN A 378 3.70 47.28 11.32
C GLN A 378 2.98 46.11 10.70
N THR A 379 1.79 46.37 10.19
CA THR A 379 0.95 45.32 9.62
C THR A 379 0.63 45.64 8.16
N LEU A 380 0.90 44.68 7.30
CA LEU A 380 0.72 44.80 5.86
C LEU A 380 -0.31 43.79 5.39
N ALA A 381 -1.28 44.23 4.60
CA ALA A 381 -2.35 43.36 4.17
C ALA A 381 -2.51 43.42 2.66
N LEU A 382 -2.85 42.28 2.06
CA LEU A 382 -3.13 42.19 0.64
C LEU A 382 -4.61 41.87 0.43
N VAL A 383 -5.21 42.45 -0.60
CA VAL A 383 -6.58 42.14 -0.97
C VAL A 383 -6.66 42.04 -2.48
N GLY A 384 -7.31 41.00 -2.99
CA GLY A 384 -7.47 40.85 -4.42
C GLY A 384 -8.51 39.85 -4.86
N PRO A 385 -9.01 40.00 -6.08
CA PRO A 385 -9.94 39.02 -6.64
C PRO A 385 -9.25 37.69 -6.88
N SER A 386 -10.05 36.63 -6.88
CA SER A 386 -9.53 35.28 -6.82
C SER A 386 -8.54 35.00 -7.94
N GLY A 387 -7.46 34.33 -7.60
CA GLY A 387 -6.51 33.90 -8.59
C GLY A 387 -5.58 34.97 -9.10
N ALA A 388 -5.70 36.20 -8.62
CA ALA A 388 -4.81 37.25 -9.10
C ALA A 388 -3.37 36.95 -8.74
N GLY A 389 -3.14 36.18 -7.70
CA GLY A 389 -1.78 35.89 -7.29
C GLY A 389 -1.46 36.32 -5.88
N LYS A 390 -2.45 36.28 -4.99
CA LYS A 390 -2.16 36.58 -3.60
C LYS A 390 -1.32 35.49 -2.94
N SER A 391 -1.66 34.22 -3.20
CA SER A 391 -0.99 33.14 -2.47
C SER A 391 0.49 33.07 -2.81
N THR A 392 0.86 33.34 -4.06
CA THR A 392 2.24 33.12 -4.46
C THR A 392 3.18 34.11 -3.78
N ILE A 393 2.78 35.37 -3.61
CA ILE A 393 3.66 36.33 -2.95
C ILE A 393 4.02 35.85 -1.56
N LEU A 394 3.08 35.25 -0.86
CA LEU A 394 3.41 34.72 0.44
C LEU A 394 4.23 33.44 0.32
N ARG A 395 3.94 32.61 -0.67
CA ARG A 395 4.60 31.30 -0.70
C ARG A 395 6.05 31.40 -1.14
N LEU A 396 6.43 32.46 -1.86
CA LEU A 396 7.84 32.65 -2.18
C LEU A 396 8.67 32.95 -0.94
N LEU A 397 8.17 33.84 -0.08
CA LEU A 397 8.98 34.33 1.03
C LEU A 397 9.43 33.20 1.94
N PHE A 398 8.71 32.10 1.93
CA PHE A 398 9.11 30.93 2.69
C PHE A 398 10.03 30.02 1.90
N ARG A 399 10.36 30.37 0.66
CA ARG A 399 11.32 29.63 -0.15
C ARG A 399 10.93 28.17 -0.34
N PHE A 400 9.78 27.93 -0.96
CA PHE A 400 9.58 26.65 -1.63
C PHE A 400 10.14 26.67 -3.04
N TYR A 401 9.58 27.51 -3.89
CA TYR A 401 10.05 27.69 -5.25
C TYR A 401 11.27 28.60 -5.24
N ASP A 402 11.70 29.05 -6.40
CA ASP A 402 12.86 29.91 -6.48
C ASP A 402 12.61 31.09 -7.40
N ILE A 403 13.20 32.22 -7.05
CA ILE A 403 13.01 33.48 -7.76
C ILE A 403 13.58 33.35 -9.17
N SER A 404 13.22 34.28 -10.05
CA SER A 404 13.80 34.29 -11.40
C SER A 404 14.73 35.48 -11.60
N SER A 405 14.29 36.67 -11.18
CA SER A 405 15.11 37.87 -11.30
C SER A 405 14.79 38.81 -10.15
N GLY A 406 15.69 39.75 -9.89
CA GLY A 406 15.54 40.61 -8.74
C GLY A 406 15.89 39.86 -7.46
N CYS A 407 15.50 40.42 -6.31
CA CYS A 407 15.89 39.74 -5.09
C CYS A 407 14.97 40.08 -3.93
N ILE A 408 14.96 39.18 -2.95
CA ILE A 408 14.20 39.31 -1.71
C ILE A 408 15.19 39.40 -0.57
N ARG A 409 15.05 40.41 0.28
CA ARG A 409 15.96 40.62 1.38
C ARG A 409 15.23 40.52 2.70
N ILE A 410 15.79 39.77 3.65
CA ILE A 410 15.35 39.75 5.04
C ILE A 410 16.40 40.46 5.85
N ASP A 411 16.06 41.63 6.38
CA ASP A 411 16.92 42.35 7.29
C ASP A 411 18.30 42.63 6.70
N GLY A 412 18.35 42.94 5.41
CA GLY A 412 19.59 43.35 4.78
C GLY A 412 20.41 42.24 4.15
N GLN A 413 20.01 40.97 4.32
CA GLN A 413 20.69 39.84 3.70
C GLN A 413 19.79 39.22 2.67
N ASP A 414 20.38 38.68 1.62
CA ASP A 414 19.61 37.93 0.64
C ASP A 414 19.14 36.62 1.25
N ILE A 415 18.14 36.01 0.63
CA ILE A 415 17.70 34.70 1.11
C ILE A 415 18.33 33.59 0.30
N SER A 416 18.86 33.88 -0.89
CA SER A 416 19.50 32.84 -1.68
C SER A 416 20.75 32.32 -0.98
N GLN A 417 21.55 33.22 -0.42
CA GLN A 417 22.80 32.81 0.20
C GLN A 417 22.57 32.02 1.48
N VAL A 418 21.62 32.45 2.31
CA VAL A 418 21.47 31.83 3.62
C VAL A 418 20.89 30.44 3.46
N THR A 419 21.38 29.52 4.30
CA THR A 419 20.90 28.15 4.25
C THR A 419 19.44 28.10 4.51
N GLN A 420 18.76 27.16 3.88
CA GLN A 420 17.32 27.14 4.03
C GLN A 420 16.87 26.54 5.35
N ALA A 421 17.71 25.75 6.01
CA ALA A 421 17.28 25.13 7.26
C ALA A 421 17.04 26.18 8.33
N SER A 422 17.85 27.23 8.36
CA SER A 422 17.67 28.26 9.37
C SER A 422 16.47 29.14 9.05
N LEU A 423 16.19 29.37 7.78
CA LEU A 423 15.12 30.29 7.41
C LEU A 423 13.77 29.79 7.90
N ARG A 424 13.60 28.48 8.05
CA ARG A 424 12.34 27.95 8.54
C ARG A 424 12.18 28.17 10.04
N SER A 425 13.23 28.58 10.74
CA SER A 425 13.12 28.75 12.18
C SER A 425 12.25 29.93 12.54
N HIS A 426 12.46 31.07 11.91
CA HIS A 426 11.90 32.31 12.40
C HIS A 426 10.57 32.68 11.76
N ILE A 427 10.12 31.94 10.76
CA ILE A 427 8.92 32.26 10.01
C ILE A 427 7.85 31.25 10.36
N GLY A 428 6.68 31.72 10.76
CA GLY A 428 5.56 30.84 11.04
C GLY A 428 4.36 31.24 10.22
N VAL A 429 3.68 30.23 9.68
CA VAL A 429 2.51 30.47 8.84
C VAL A 429 1.35 29.69 9.40
N VAL A 430 0.16 30.07 8.97
CA VAL A 430 -1.04 29.25 9.15
C VAL A 430 -1.67 29.05 7.79
N PRO A 431 -1.81 27.82 7.31
CA PRO A 431 -2.03 27.59 5.88
C PRO A 431 -3.44 27.92 5.44
N GLN A 432 -3.60 28.03 4.12
CA GLN A 432 -4.93 28.26 3.55
C GLN A 432 -5.85 27.08 3.79
N ASP A 433 -5.34 25.87 3.63
CA ASP A 433 -6.07 24.66 3.95
C ASP A 433 -5.35 23.94 5.08
N THR A 434 -6.09 23.45 6.05
CA THR A 434 -5.51 22.86 7.23
C THR A 434 -5.61 21.35 7.15
N VAL A 435 -4.57 20.66 7.60
CA VAL A 435 -4.59 19.22 7.74
C VAL A 435 -4.14 18.89 9.15
N LEU A 436 -4.57 17.74 9.66
CA LEU A 436 -4.23 17.33 11.02
C LEU A 436 -3.76 15.89 11.04
N PHE A 437 -2.77 15.62 11.87
CA PHE A 437 -2.34 14.24 12.08
C PHE A 437 -3.44 13.46 12.77
N ASN A 438 -3.60 12.20 12.40
CA ASN A 438 -4.64 11.38 12.98
C ASN A 438 -4.24 11.02 14.41
N ASP A 439 -4.35 11.99 15.30
CA ASP A 439 -4.00 11.75 16.69
C ASP A 439 -4.73 12.77 17.56
N THR A 440 -4.60 12.59 18.87
CA THR A 440 -5.39 13.37 19.80
C THR A 440 -4.95 14.83 19.80
N ILE A 441 -5.88 15.71 20.22
CA ILE A 441 -5.63 17.15 20.16
C ILE A 441 -4.40 17.52 20.97
N ALA A 442 -4.23 16.93 22.15
CA ALA A 442 -3.11 17.30 22.99
C ALA A 442 -1.78 17.05 22.29
N ASP A 443 -1.66 15.92 21.59
CA ASP A 443 -0.42 15.68 20.86
C ASP A 443 -0.34 16.56 19.62
N ASN A 444 -1.49 16.87 19.01
CA ASN A 444 -1.46 17.56 17.74
C ASN A 444 -1.08 19.02 17.90
N ILE A 445 -1.57 19.67 18.95
CA ILE A 445 -1.34 21.10 19.09
C ILE A 445 0.05 21.43 19.62
N ARG A 446 0.71 20.50 20.31
CA ARG A 446 2.04 20.77 20.84
C ARG A 446 3.10 20.63 19.78
N TYR A 447 2.71 20.30 18.56
CA TYR A 447 3.66 19.77 17.60
C TYR A 447 4.70 20.79 17.20
N GLY A 448 4.50 22.06 17.56
CA GLY A 448 5.44 23.09 17.16
C GLY A 448 6.77 23.02 17.88
N ARG A 449 6.75 22.85 19.19
CA ARG A 449 7.98 22.83 19.98
C ARG A 449 7.90 21.65 20.93
N VAL A 450 8.52 20.54 20.53
CA VAL A 450 8.28 19.26 21.22
C VAL A 450 8.66 19.36 22.69
N THR A 451 9.63 20.22 23.01
CA THR A 451 10.06 20.38 24.38
C THR A 451 8.97 20.94 25.28
N ALA A 452 7.99 21.66 24.74
CA ALA A 452 7.10 22.47 25.56
C ALA A 452 6.31 21.62 26.54
N GLY A 453 6.13 22.15 27.75
CA GLY A 453 5.45 21.43 28.81
C GLY A 453 3.94 21.47 28.69
N ASN A 454 3.28 20.77 29.61
CA ASN A 454 1.84 20.59 29.53
C ASN A 454 1.07 21.76 30.14
N ASP A 455 1.76 22.76 30.66
CA ASP A 455 1.07 23.97 31.10
C ASP A 455 1.07 25.04 30.03
N GLU A 456 2.21 25.21 29.35
CA GLU A 456 2.31 26.27 28.34
C GLU A 456 1.36 26.01 27.18
N VAL A 457 1.18 24.75 26.79
CA VAL A 457 0.25 24.45 25.72
C VAL A 457 -1.16 24.86 26.10
N GLU A 458 -1.55 24.63 27.36
CA GLU A 458 -2.84 25.12 27.81
C GLU A 458 -2.89 26.64 27.75
N ALA A 459 -1.79 27.29 28.13
CA ALA A 459 -1.76 28.75 28.07
C ALA A 459 -1.97 29.26 26.65
N ALA A 460 -1.42 28.54 25.67
CA ALA A 460 -1.47 29.05 24.30
C ALA A 460 -2.88 28.96 23.73
N ALA A 461 -3.50 27.79 23.80
CA ALA A 461 -4.79 27.62 23.18
C ALA A 461 -5.85 28.50 23.85
N GLN A 462 -5.63 28.89 25.11
CA GLN A 462 -6.56 29.78 25.77
C GLN A 462 -6.59 31.15 25.11
N ALA A 463 -5.41 31.66 24.72
CA ALA A 463 -5.38 32.95 24.05
C ALA A 463 -5.96 32.88 22.65
N ALA A 464 -6.16 31.68 22.12
CA ALA A 464 -6.71 31.54 20.78
C ALA A 464 -8.22 31.36 20.79
N GLY A 465 -8.87 31.56 21.91
CA GLY A 465 -10.32 31.50 21.96
C GLY A 465 -10.93 30.15 21.73
N ILE A 466 -10.14 29.07 21.83
CA ILE A 466 -10.65 27.73 21.60
C ILE A 466 -10.79 26.93 22.89
N HIS A 467 -10.09 27.30 23.95
CA HIS A 467 -10.02 26.43 25.13
C HIS A 467 -11.38 26.21 25.76
N ASP A 468 -12.18 27.27 25.89
CA ASP A 468 -13.43 27.15 26.63
C ASP A 468 -14.38 26.17 25.98
N ALA A 469 -14.34 26.05 24.66
CA ALA A 469 -15.22 25.09 24.01
C ALA A 469 -14.72 23.66 24.17
N ILE A 470 -13.39 23.47 24.18
CA ILE A 470 -12.85 22.11 24.19
C ILE A 470 -13.19 21.41 25.50
N MET A 471 -13.06 22.11 26.63
CA MET A 471 -13.27 21.44 27.91
C MET A 471 -14.68 20.91 28.05
N ALA A 472 -15.65 21.49 27.35
CA ALA A 472 -16.99 20.96 27.39
C ALA A 472 -17.13 19.66 26.63
N PHE A 473 -16.11 19.26 25.87
CA PHE A 473 -16.17 17.99 25.16
C PHE A 473 -16.24 16.84 26.15
N PRO A 474 -16.91 15.75 25.81
CA PRO A 474 -16.69 14.50 26.53
C PRO A 474 -15.26 14.06 26.29
N GLU A 475 -14.72 13.32 27.26
CA GLU A 475 -13.42 12.69 27.19
C GLU A 475 -12.27 13.70 27.22
N GLY A 476 -12.55 15.01 27.20
CA GLY A 476 -11.50 15.99 27.36
C GLY A 476 -10.50 15.97 26.21
N TYR A 477 -9.27 16.40 26.51
CA TYR A 477 -8.23 16.45 25.50
C TYR A 477 -7.99 15.10 24.83
N ARG A 478 -8.27 14.00 25.48
CA ARG A 478 -7.99 12.71 24.87
C ARG A 478 -8.87 12.42 23.66
N THR A 479 -9.73 13.35 23.24
CA THR A 479 -10.58 13.10 22.08
C THR A 479 -9.72 12.93 20.85
N GLN A 480 -10.23 12.17 19.89
CA GLN A 480 -9.49 11.90 18.67
C GLN A 480 -10.05 12.67 17.50
N VAL A 481 -9.16 13.33 16.76
CA VAL A 481 -9.59 14.19 15.67
C VAL A 481 -10.10 13.36 14.51
N GLY A 482 -9.42 12.27 14.18
CA GLY A 482 -9.84 11.42 13.09
C GLY A 482 -9.17 11.79 11.78
N GLU A 483 -9.24 10.85 10.83
CA GLU A 483 -8.42 10.92 9.63
C GLU A 483 -8.56 12.25 8.91
N ARG A 484 -7.43 12.82 8.52
CA ARG A 484 -7.33 14.11 7.85
C ARG A 484 -8.02 15.22 8.62
N GLY A 485 -8.48 14.94 9.83
CA GLY A 485 -9.04 15.99 10.65
C GLY A 485 -10.30 16.63 10.11
N LEU A 486 -11.29 15.84 9.74
CA LEU A 486 -12.57 16.43 9.44
C LEU A 486 -13.66 16.00 10.41
N LYS A 487 -13.42 15.00 11.24
CA LYS A 487 -14.41 14.59 12.22
C LYS A 487 -14.64 15.66 13.27
N LEU A 488 -13.67 16.56 13.44
CA LEU A 488 -13.73 17.48 14.56
C LEU A 488 -14.87 18.48 14.39
N SER A 489 -14.79 19.30 13.36
CA SER A 489 -15.80 20.33 13.16
C SER A 489 -15.71 20.79 11.71
N GLY A 490 -16.30 21.94 11.43
CA GLY A 490 -16.08 22.59 10.16
C GLY A 490 -15.18 23.80 10.31
N GLY A 491 -15.24 24.46 11.46
CA GLY A 491 -14.45 25.66 11.64
C GLY A 491 -13.40 25.55 12.72
N GLU A 492 -13.69 24.81 13.79
CA GLU A 492 -12.74 24.75 14.89
C GLU A 492 -11.39 24.22 14.44
N LYS A 493 -11.37 23.46 13.35
CA LYS A 493 -10.09 23.03 12.79
C LYS A 493 -9.21 24.24 12.51
N GLN A 494 -9.79 25.30 11.98
CA GLN A 494 -9.03 26.51 11.74
C GLN A 494 -8.48 27.07 13.04
N ARG A 495 -9.25 27.01 14.12
CA ARG A 495 -8.77 27.56 15.38
C ARG A 495 -7.63 26.73 15.96
N VAL A 496 -7.72 25.40 15.84
CA VAL A 496 -6.59 24.57 16.26
C VAL A 496 -5.34 24.94 15.48
N ALA A 497 -5.49 25.08 14.17
CA ALA A 497 -4.33 25.47 13.38
C ALA A 497 -3.76 26.80 13.86
N ILE A 498 -4.64 27.77 14.13
CA ILE A 498 -4.13 29.09 14.50
C ILE A 498 -3.50 29.05 15.88
N ALA A 499 -3.86 28.08 16.70
CA ALA A 499 -3.16 27.96 17.98
C ALA A 499 -1.77 27.34 17.77
N ARG A 500 -1.64 26.48 16.77
CA ARG A 500 -0.35 25.84 16.53
C ARG A 500 0.76 26.88 16.39
N THR A 501 0.57 27.85 15.50
CA THR A 501 1.61 28.85 15.29
C THR A 501 1.85 29.69 16.53
N ILE A 502 0.78 30.06 17.26
CA ILE A 502 0.97 30.85 18.46
C ILE A 502 1.88 30.14 19.44
N LEU A 503 1.77 28.82 19.52
CA LEU A 503 2.67 28.09 20.43
C LEU A 503 4.13 28.29 20.03
N LYS A 504 4.44 28.23 18.74
CA LYS A 504 5.83 28.29 18.29
C LYS A 504 6.45 29.65 18.54
N ALA A 505 5.64 30.70 18.57
CA ALA A 505 6.09 32.07 18.82
C ALA A 505 7.24 32.46 17.90
N PRO A 506 7.03 32.48 16.59
CA PRO A 506 8.12 32.80 15.68
C PRO A 506 8.40 34.29 15.65
N GLY A 507 9.27 34.67 14.71
CA GLY A 507 9.51 36.09 14.50
C GLY A 507 8.45 36.74 13.64
N ILE A 508 8.19 36.18 12.47
CA ILE A 508 7.27 36.77 11.51
C ILE A 508 6.09 35.83 11.32
N ILE A 509 4.90 36.39 11.13
CA ILE A 509 3.68 35.62 11.08
C ILE A 509 3.00 35.83 9.74
N LEU A 510 2.60 34.76 9.08
CA LEU A 510 2.01 34.89 7.77
C LEU A 510 0.66 34.24 7.72
N LEU A 511 -0.35 34.84 8.35
CA LEU A 511 -1.68 34.32 8.27
C LEU A 511 -2.15 34.40 6.85
N ASP A 512 -2.91 33.40 6.38
CA ASP A 512 -3.42 33.38 5.01
C ASP A 512 -4.87 32.97 5.00
N GLU A 513 -5.76 33.87 4.60
CA GLU A 513 -7.17 33.55 4.61
C GLU A 513 -7.44 32.74 5.84
N ALA A 514 -7.04 33.24 6.99
CA ALA A 514 -7.18 32.45 8.18
C ALA A 514 -8.41 32.77 8.95
N THR A 515 -8.72 34.04 9.04
CA THR A 515 -9.85 34.45 9.85
C THR A 515 -11.17 33.88 9.31
N SER A 516 -11.25 33.60 8.01
CA SER A 516 -12.48 33.09 7.42
C SER A 516 -12.82 31.76 7.97
N ALA A 517 -13.95 31.22 7.55
CA ALA A 517 -14.34 29.92 8.03
C ALA A 517 -14.60 29.92 9.53
N LEU A 518 -14.87 31.08 10.09
CA LEU A 518 -15.19 31.16 11.49
C LEU A 518 -16.53 31.84 11.58
N ASP A 519 -16.72 32.72 12.55
CA ASP A 519 -17.96 33.47 12.64
C ASP A 519 -17.64 34.90 12.94
N THR A 520 -18.53 35.83 12.60
CA THR A 520 -18.19 37.24 12.76
C THR A 520 -17.86 37.59 14.18
N SER A 521 -18.45 36.88 15.12
CA SER A 521 -18.22 37.20 16.51
C SER A 521 -16.83 36.80 16.95
N ASN A 522 -16.56 35.50 17.04
CA ASN A 522 -15.28 35.06 17.58
C ASN A 522 -14.11 35.75 16.92
N GLU A 523 -14.29 36.24 15.70
CA GLU A 523 -13.17 36.84 14.99
C GLU A 523 -12.59 37.97 15.76
N ARG A 524 -13.45 38.84 16.26
CA ARG A 524 -12.95 40.02 16.93
C ARG A 524 -11.92 39.62 17.96
N ALA A 525 -12.27 38.65 18.80
CA ALA A 525 -11.37 38.24 19.86
C ALA A 525 -10.08 37.66 19.34
N ILE A 526 -10.17 36.71 18.42
CA ILE A 526 -8.97 36.06 17.97
C ILE A 526 -8.03 37.16 17.60
N GLN A 527 -8.54 38.12 16.84
CA GLN A 527 -7.69 39.19 16.38
C GLN A 527 -7.11 39.95 17.55
N ALA A 528 -7.96 40.31 18.51
CA ALA A 528 -7.48 41.11 19.63
C ALA A 528 -6.40 40.38 20.37
N SER A 529 -6.67 39.13 20.72
CA SER A 529 -5.70 38.41 21.49
C SER A 529 -4.45 38.26 20.66
N LEU A 530 -4.63 37.94 19.39
CA LEU A 530 -3.47 37.72 18.54
C LEU A 530 -2.62 38.94 18.60
N ALA A 531 -3.26 40.10 18.62
CA ALA A 531 -2.52 41.35 18.64
C ALA A 531 -1.67 41.48 19.89
N LYS A 532 -2.31 41.42 21.04
CA LYS A 532 -1.56 41.59 22.26
C LYS A 532 -0.45 40.58 22.26
N VAL A 533 -0.74 39.38 21.80
CA VAL A 533 0.26 38.32 21.83
C VAL A 533 0.96 38.21 20.49
N CYS A 534 0.84 39.23 19.66
CA CYS A 534 1.54 39.21 18.41
C CYS A 534 2.98 38.90 18.75
N ALA A 535 3.56 37.90 18.10
CA ALA A 535 4.91 37.51 18.45
C ALA A 535 5.94 38.08 17.50
N ASN A 536 6.64 39.13 17.91
CA ASN A 536 7.72 39.71 17.10
C ASN A 536 7.24 40.59 15.97
N ARG A 537 5.94 40.85 15.91
CA ARG A 537 5.44 41.78 14.91
C ARG A 537 5.82 41.41 13.50
N THR A 538 5.65 42.34 12.57
CA THR A 538 5.91 42.04 11.16
C THR A 538 4.95 40.96 10.69
N THR A 539 3.74 41.35 10.30
CA THR A 539 2.74 40.38 9.90
C THR A 539 2.09 40.68 8.56
N ILE A 540 2.00 39.67 7.70
CA ILE A 540 1.33 39.83 6.42
C ILE A 540 0.08 38.98 6.45
N VAL A 541 -1.07 39.52 6.06
CA VAL A 541 -2.31 38.77 6.16
C VAL A 541 -3.22 38.96 4.96
N VAL A 542 -3.56 37.88 4.26
CA VAL A 542 -4.40 37.97 3.07
C VAL A 542 -5.80 37.56 3.42
N ALA A 543 -6.72 38.49 3.34
CA ALA A 543 -8.07 38.18 3.76
C ALA A 543 -9.06 38.78 2.79
N HIS A 544 -10.27 38.22 2.80
CA HIS A 544 -11.31 38.64 1.88
C HIS A 544 -12.36 39.54 2.54
N ARG A 545 -12.83 39.16 3.72
CA ARG A 545 -13.79 40.00 4.42
C ARG A 545 -13.12 41.30 4.83
N LEU A 546 -13.48 42.39 4.15
CA LEU A 546 -12.79 43.65 4.39
C LEU A 546 -12.93 44.14 5.82
N SER A 547 -13.90 43.63 6.57
CA SER A 547 -14.09 44.05 7.96
C SER A 547 -13.07 43.47 8.91
N THR A 548 -11.95 42.95 8.42
CA THR A 548 -10.91 42.43 9.28
C THR A 548 -9.55 43.07 9.06
N VAL A 549 -9.40 43.93 8.05
CA VAL A 549 -8.16 44.65 7.84
C VAL A 549 -8.39 46.15 7.74
N VAL A 550 -9.45 46.63 8.37
CA VAL A 550 -9.80 48.04 8.27
C VAL A 550 -8.69 48.91 8.84
N ASN A 551 -8.14 48.52 9.99
CA ASN A 551 -7.18 49.35 10.71
C ASN A 551 -5.73 48.92 10.49
N ALA A 552 -5.46 48.09 9.49
CA ALA A 552 -4.09 47.68 9.24
C ALA A 552 -3.26 48.87 8.75
N ASP A 553 -1.96 48.81 9.00
CA ASP A 553 -1.11 49.96 8.72
C ASP A 553 -1.00 50.21 7.22
N GLN A 554 -0.77 49.16 6.44
CA GLN A 554 -0.60 49.36 5.00
C GLN A 554 -1.37 48.30 4.25
N ILE A 555 -1.97 48.69 3.13
CA ILE A 555 -2.87 47.81 2.38
C ILE A 555 -2.48 47.85 0.90
N LEU A 556 -2.57 46.71 0.24
CA LEU A 556 -2.20 46.55 -1.15
C LEU A 556 -3.34 45.90 -1.93
N VAL A 557 -3.43 46.23 -3.21
CA VAL A 557 -4.41 45.59 -4.07
C VAL A 557 -3.73 45.03 -5.31
N ILE A 558 -4.06 43.78 -5.63
CA ILE A 558 -3.41 43.05 -6.71
C ILE A 558 -4.47 42.64 -7.72
N LYS A 559 -4.38 43.19 -8.94
CA LYS A 559 -5.35 42.86 -9.97
C LYS A 559 -4.93 41.62 -10.73
N ASP A 560 -3.75 41.64 -11.34
CA ASP A 560 -3.23 40.47 -12.05
C ASP A 560 -1.71 40.60 -12.10
N GLY A 561 -1.04 39.89 -11.19
CA GLY A 561 0.39 39.81 -11.24
C GLY A 561 1.11 41.15 -11.13
N CYS A 562 0.42 42.19 -10.68
CA CYS A 562 1.05 43.50 -10.58
C CYS A 562 0.28 44.34 -9.58
N ILE A 563 1.03 45.13 -8.83
CA ILE A 563 0.45 46.03 -7.84
C ILE A 563 -0.38 47.08 -8.55
N VAL A 564 -1.55 47.41 -8.02
CA VAL A 564 -2.35 48.43 -8.68
C VAL A 564 -2.24 49.77 -7.97
N GLU A 565 -2.70 49.84 -6.73
CA GLU A 565 -2.71 51.12 -6.03
C GLU A 565 -2.70 50.90 -4.52
N ARG A 566 -1.84 51.63 -3.83
CA ARG A 566 -1.50 51.35 -2.44
C ARG A 566 -1.75 52.57 -1.57
N GLY A 567 -1.88 52.34 -0.27
CA GLY A 567 -2.06 53.43 0.67
C GLY A 567 -2.54 52.90 2.01
N ARG A 568 -3.06 53.81 2.82
CA ARG A 568 -3.75 53.43 4.04
C ARG A 568 -5.25 53.33 3.77
N HIS A 569 -6.04 53.15 4.83
CA HIS A 569 -7.46 52.90 4.63
C HIS A 569 -8.21 54.17 4.22
N GLU A 570 -8.27 55.15 5.13
CA GLU A 570 -9.05 56.35 4.86
C GLU A 570 -8.48 57.12 3.67
N ALA A 571 -7.16 57.25 3.60
CA ALA A 571 -6.56 58.02 2.52
C ALA A 571 -6.86 57.41 1.16
N LEU A 572 -6.81 56.09 1.05
CA LEU A 572 -7.07 55.43 -0.22
C LEU A 572 -8.56 55.32 -0.52
N LEU A 573 -9.41 55.34 0.50
CA LEU A 573 -10.85 55.27 0.25
C LEU A 573 -11.34 56.45 -0.57
N SER A 574 -10.87 57.66 -0.25
CA SER A 574 -11.34 58.84 -0.96
C SER A 574 -10.82 58.89 -2.39
N ARG A 575 -9.80 58.08 -2.70
CA ARG A 575 -9.23 58.10 -4.04
C ARG A 575 -10.23 57.62 -5.09
N GLY A 576 -11.18 56.79 -4.68
CA GLY A 576 -12.22 56.36 -5.60
C GLY A 576 -11.80 55.32 -6.60
N GLY A 577 -10.77 54.53 -6.30
CA GLY A 577 -10.32 53.49 -7.20
C GLY A 577 -11.11 52.21 -7.03
N VAL A 578 -10.48 51.10 -7.43
CA VAL A 578 -11.16 49.81 -7.40
C VAL A 578 -11.47 49.42 -5.96
N TYR A 579 -10.58 49.73 -5.03
CA TYR A 579 -10.82 49.40 -3.63
C TYR A 579 -12.08 50.07 -3.11
N ALA A 580 -12.33 51.30 -3.54
CA ALA A 580 -13.57 51.97 -3.19
C ALA A 580 -14.76 51.18 -3.68
N ASP A 581 -14.68 50.64 -4.90
CA ASP A 581 -15.80 49.87 -5.43
C ASP A 581 -16.00 48.59 -4.64
N MET A 582 -14.91 47.92 -4.27
CA MET A 582 -15.08 46.72 -3.43
C MET A 582 -15.78 47.07 -2.13
N TRP A 583 -15.36 48.16 -1.49
CA TRP A 583 -15.99 48.52 -0.22
C TRP A 583 -17.46 48.86 -0.40
N GLN A 584 -17.78 49.62 -1.45
CA GLN A 584 -19.17 50.00 -1.68
C GLN A 584 -20.03 48.79 -1.94
N LEU A 585 -19.52 47.83 -2.72
CA LEU A 585 -20.29 46.62 -2.98
C LEU A 585 -20.44 45.78 -1.73
N GLN A 586 -19.44 45.82 -0.88
CA GLN A 586 -19.50 45.07 0.37
C GLN A 586 -20.37 45.81 1.38
N GLN A 587 -21.25 46.67 0.89
CA GLN A 587 -22.13 47.42 1.78
C GLN A 587 -21.53 47.63 3.17
N ARG B 1 -19.76 -23.32 15.74
CA ARG B 1 -18.45 -23.49 15.13
C ARG B 1 -18.24 -22.49 14.01
N ASP B 2 -17.81 -21.29 14.39
CA ASP B 2 -17.64 -20.25 13.40
C ASP B 2 -16.79 -20.79 12.28
N PHE B 3 -15.93 -21.74 12.61
CA PHE B 3 -15.11 -22.34 11.57
C PHE B 3 -16.05 -22.89 10.53
N GLY B 4 -17.17 -23.45 10.99
CA GLY B 4 -18.12 -24.03 10.07
C GLY B 4 -18.55 -22.99 9.05
N ARG B 5 -18.93 -21.82 9.52
CA ARG B 5 -19.40 -20.79 8.61
C ARG B 5 -18.28 -20.31 7.71
N LYS B 6 -17.12 -20.05 8.29
CA LYS B 6 -16.05 -19.51 7.50
C LYS B 6 -15.74 -20.40 6.32
N LEU B 7 -15.78 -21.69 6.52
CA LEU B 7 -15.38 -22.58 5.43
C LEU B 7 -16.18 -22.33 4.17
N ARG B 8 -17.48 -22.20 4.31
CA ARG B 8 -18.31 -22.07 3.12
C ARG B 8 -17.72 -21.00 2.25
N LEU B 9 -17.57 -19.82 2.82
CA LEU B 9 -17.07 -18.72 2.04
C LEU B 9 -15.80 -19.19 1.41
N LEU B 10 -15.02 -20.04 2.08
CA LEU B 10 -13.86 -20.53 1.36
C LEU B 10 -14.28 -21.37 0.16
N SER B 11 -15.17 -22.35 0.38
CA SER B 11 -15.58 -23.24 -0.70
C SER B 11 -16.25 -22.49 -1.84
N GLY B 12 -16.81 -21.31 -1.55
CA GLY B 12 -17.43 -20.54 -2.61
C GLY B 12 -16.46 -20.11 -3.70
N TYR B 13 -15.30 -19.57 -3.30
CA TYR B 13 -14.39 -18.98 -4.27
C TYR B 13 -13.17 -19.82 -4.60
N LEU B 14 -12.79 -20.78 -3.76
CA LEU B 14 -11.64 -21.59 -4.09
C LEU B 14 -11.89 -22.40 -5.36
N TRP B 15 -12.79 -23.34 -5.30
CA TRP B 15 -13.14 -24.12 -6.47
C TRP B 15 -13.90 -23.21 -7.43
N PRO B 16 -13.47 -23.11 -8.66
CA PRO B 16 -14.19 -22.26 -9.61
C PRO B 16 -15.66 -22.61 -9.63
N ARG B 17 -16.49 -21.58 -9.70
CA ARG B 17 -17.94 -21.73 -9.59
C ARG B 17 -18.59 -21.09 -10.80
N GLY B 18 -19.52 -21.81 -11.42
CA GLY B 18 -20.36 -21.24 -12.43
C GLY B 18 -19.76 -21.10 -13.81
N SER B 19 -18.46 -21.34 -13.95
CA SER B 19 -17.82 -21.22 -15.26
C SER B 19 -17.24 -22.57 -15.66
N PRO B 20 -17.96 -23.35 -16.47
CA PRO B 20 -17.47 -24.69 -16.82
C PRO B 20 -16.13 -24.69 -17.51
N ALA B 21 -15.82 -23.66 -18.30
CA ALA B 21 -14.54 -23.64 -18.98
C ALA B 21 -13.39 -23.66 -17.99
N LEU B 22 -13.38 -22.71 -17.05
CA LEU B 22 -12.37 -22.73 -16.00
C LEU B 22 -12.69 -23.75 -14.93
N GLN B 23 -13.84 -24.43 -15.02
CA GLN B 23 -14.07 -25.59 -14.17
C GLN B 23 -13.15 -26.73 -14.55
N LEU B 24 -12.93 -26.93 -15.84
CA LEU B 24 -12.27 -28.14 -16.30
C LEU B 24 -10.77 -28.12 -16.06
N VAL B 25 -10.16 -26.95 -15.91
CA VAL B 25 -8.71 -26.87 -15.92
C VAL B 25 -8.11 -27.44 -14.64
N VAL B 26 -8.93 -27.60 -13.60
CA VAL B 26 -8.40 -28.22 -12.38
C VAL B 26 -8.12 -29.70 -12.60
N LEU B 27 -9.07 -30.42 -13.22
CA LEU B 27 -8.90 -31.86 -13.39
C LEU B 27 -7.72 -32.19 -14.29
N ILE B 28 -7.53 -31.44 -15.37
CA ILE B 28 -6.41 -31.70 -16.25
C ILE B 28 -5.10 -31.55 -15.51
N CYS B 29 -4.96 -30.49 -14.72
CA CYS B 29 -3.73 -30.26 -13.98
C CYS B 29 -3.49 -31.38 -12.98
N LEU B 30 -4.52 -31.79 -12.26
CA LEU B 30 -4.34 -32.87 -11.30
C LEU B 30 -3.93 -34.17 -11.98
N GLY B 31 -4.58 -34.50 -13.10
CA GLY B 31 -4.23 -35.73 -13.80
C GLY B 31 -2.81 -35.71 -14.33
N LEU B 32 -2.38 -34.55 -14.82
CA LEU B 32 -1.00 -34.44 -15.27
C LEU B 32 -0.02 -34.64 -14.12
N MET B 33 -0.36 -34.13 -12.94
CA MET B 33 0.50 -34.40 -11.78
C MET B 33 0.62 -35.90 -11.56
N GLY B 34 -0.51 -36.60 -11.59
CA GLY B 34 -0.48 -38.04 -11.37
C GLY B 34 0.36 -38.77 -12.40
N LEU B 35 0.17 -38.44 -13.67
CA LEU B 35 0.94 -39.12 -14.71
C LEU B 35 2.40 -38.77 -14.62
N GLU B 36 2.72 -37.59 -14.09
CA GLU B 36 4.11 -37.25 -13.85
C GLU B 36 4.73 -38.20 -12.84
N ARG B 37 4.02 -38.46 -11.74
CA ARG B 37 4.54 -39.42 -10.77
C ARG B 37 4.68 -40.81 -11.38
N ALA B 38 3.70 -41.20 -12.19
CA ALA B 38 3.76 -42.52 -12.82
C ALA B 38 4.96 -42.64 -13.75
N LEU B 39 5.21 -41.62 -14.57
CA LEU B 39 6.38 -41.65 -15.44
C LEU B 39 7.66 -41.73 -14.62
N ASN B 40 7.74 -40.93 -13.56
CA ASN B 40 8.95 -40.92 -12.75
C ASN B 40 9.26 -42.29 -12.20
N VAL B 41 8.22 -43.03 -11.76
CA VAL B 41 8.50 -44.35 -11.21
C VAL B 41 8.75 -45.37 -12.32
N LEU B 42 8.13 -45.17 -13.49
CA LEU B 42 8.15 -46.22 -14.51
C LEU B 42 9.47 -46.24 -15.28
N VAL B 43 10.09 -45.08 -15.52
CA VAL B 43 11.26 -45.04 -16.40
C VAL B 43 12.35 -46.04 -16.04
N PRO B 44 12.77 -46.18 -14.77
CA PRO B 44 13.89 -47.10 -14.49
C PRO B 44 13.65 -48.53 -14.93
N ILE B 45 12.42 -49.04 -14.83
CA ILE B 45 12.13 -50.39 -15.30
C ILE B 45 12.38 -50.49 -16.80
N PHE B 46 11.94 -49.48 -17.55
CA PHE B 46 12.19 -49.43 -18.98
C PHE B 46 13.69 -49.42 -19.26
N TYR B 47 14.43 -48.60 -18.51
CA TYR B 47 15.88 -48.49 -18.71
C TYR B 47 16.57 -49.82 -18.45
N ARG B 48 16.20 -50.51 -17.38
CA ARG B 48 16.88 -51.75 -17.02
C ARG B 48 16.67 -52.80 -18.11
N ASN B 49 15.45 -52.94 -18.60
CA ASN B 49 15.19 -53.90 -19.67
C ASN B 49 15.94 -53.54 -20.93
N ILE B 50 15.98 -52.25 -21.30
CA ILE B 50 16.71 -51.88 -22.49
C ILE B 50 18.19 -52.19 -22.34
N VAL B 51 18.76 -51.90 -21.17
CA VAL B 51 20.17 -52.20 -20.94
C VAL B 51 20.41 -53.70 -21.06
N ASN B 52 19.55 -54.51 -20.44
CA ASN B 52 19.74 -55.96 -20.48
C ASN B 52 19.67 -56.49 -21.91
N LEU B 53 18.67 -56.05 -22.68
CA LEU B 53 18.49 -56.58 -24.02
C LEU B 53 19.58 -56.08 -24.97
N LEU B 54 20.09 -54.87 -24.74
CA LEU B 54 21.19 -54.36 -25.56
C LEU B 54 22.51 -55.01 -25.17
N THR B 55 22.62 -55.49 -23.93
CA THR B 55 23.90 -55.92 -23.40
C THR B 55 24.49 -57.08 -24.20
N GLU B 56 23.67 -58.09 -24.51
CA GLU B 56 24.22 -59.34 -25.03
C GLU B 56 24.90 -59.15 -26.37
N LYS B 57 24.10 -58.96 -27.44
CA LYS B 57 24.58 -58.81 -28.81
C LYS B 57 23.43 -58.69 -29.80
N ALA B 58 23.77 -58.46 -31.07
CA ALA B 58 22.88 -58.70 -32.20
C ALA B 58 21.59 -57.86 -32.18
N PRO B 59 21.70 -56.54 -32.37
CA PRO B 59 20.49 -55.74 -32.61
C PRO B 59 20.21 -55.54 -34.09
N TRP B 60 18.94 -55.51 -34.46
CA TRP B 60 18.53 -55.15 -35.82
C TRP B 60 17.51 -54.03 -35.74
N ASN B 61 17.99 -52.80 -35.55
CA ASN B 61 17.20 -51.58 -35.51
C ASN B 61 16.35 -51.52 -34.24
N SER B 62 16.30 -52.64 -33.51
CA SER B 62 15.57 -52.66 -32.25
C SER B 62 16.28 -51.77 -31.23
N LEU B 63 17.61 -51.81 -31.22
CA LEU B 63 18.37 -50.96 -30.32
C LEU B 63 18.09 -49.49 -30.61
N ALA B 64 18.09 -49.10 -31.89
CA ALA B 64 17.83 -47.71 -32.24
C ALA B 64 16.43 -47.28 -31.84
N TRP B 65 15.43 -48.12 -32.13
CA TRP B 65 14.05 -47.78 -31.77
C TRP B 65 13.90 -47.62 -30.26
N THR B 66 14.44 -48.57 -29.50
CA THR B 66 14.32 -48.49 -28.04
C THR B 66 15.08 -47.28 -27.49
N VAL B 67 16.25 -46.97 -28.06
CA VAL B 67 17.01 -45.81 -27.57
C VAL B 67 16.24 -44.53 -27.81
N THR B 68 15.66 -44.37 -29.01
CA THR B 68 14.88 -43.16 -29.27
C THR B 68 13.66 -43.07 -28.34
N SER B 69 12.96 -44.19 -28.15
CA SER B 69 11.84 -44.20 -27.24
C SER B 69 12.28 -43.82 -25.83
N TYR B 70 13.44 -44.34 -25.41
CA TYR B 70 13.99 -43.98 -24.11
C TYR B 70 14.27 -42.49 -24.02
N VAL B 71 14.82 -41.89 -25.08
CA VAL B 71 15.15 -40.48 -25.02
C VAL B 71 13.89 -39.64 -24.87
N PHE B 72 12.86 -39.95 -25.64
CA PHE B 72 11.62 -39.19 -25.46
C PHE B 72 10.97 -39.46 -24.12
N LEU B 73 11.10 -40.67 -23.58
CA LEU B 73 10.54 -40.91 -22.27
C LEU B 73 11.26 -40.09 -21.21
N LYS B 74 12.58 -39.95 -21.33
CA LYS B 74 13.30 -39.06 -20.42
C LYS B 74 12.86 -37.62 -20.60
N PHE B 75 12.65 -37.21 -21.85
CA PHE B 75 12.21 -35.85 -22.12
C PHE B 75 10.88 -35.55 -21.45
N LEU B 76 9.98 -36.51 -21.43
CA LEU B 76 8.74 -36.34 -20.69
C LEU B 76 8.97 -36.48 -19.18
N GLN B 77 10.04 -37.15 -18.77
CA GLN B 77 10.25 -37.35 -17.34
C GLN B 77 10.48 -36.03 -16.61
N GLY B 78 11.27 -35.15 -17.20
CA GLY B 78 11.67 -33.95 -16.52
C GLY B 78 12.86 -34.09 -15.60
N GLY B 79 13.42 -35.29 -15.48
CA GLY B 79 14.64 -35.47 -14.72
C GLY B 79 14.49 -35.23 -13.23
N GLY B 80 13.33 -35.56 -12.68
CA GLY B 80 13.19 -35.55 -11.23
C GLY B 80 13.27 -34.17 -10.62
N THR B 81 14.38 -33.92 -9.93
CA THR B 81 14.55 -32.81 -9.00
C THR B 81 14.18 -31.50 -9.67
N GLY B 82 14.69 -31.19 -10.86
CA GLY B 82 14.48 -29.87 -11.41
C GLY B 82 13.07 -29.59 -11.90
N SER B 83 12.28 -30.63 -12.17
CA SER B 83 10.94 -30.47 -12.72
C SER B 83 10.97 -29.63 -13.98
N THR B 84 12.09 -29.70 -14.70
CA THR B 84 12.22 -28.98 -15.97
C THR B 84 11.96 -29.96 -17.11
N GLY B 85 10.70 -30.37 -17.20
CA GLY B 85 10.29 -31.32 -18.21
C GLY B 85 8.97 -30.92 -18.83
N PHE B 86 8.72 -31.47 -20.01
CA PHE B 86 7.54 -31.10 -20.77
C PHE B 86 6.24 -31.43 -20.06
N VAL B 87 6.28 -32.29 -19.05
CA VAL B 87 5.07 -32.49 -18.28
C VAL B 87 4.99 -31.49 -17.14
N SER B 88 6.09 -31.30 -16.41
CA SER B 88 6.02 -30.45 -15.24
C SER B 88 5.66 -29.01 -15.61
N ASN B 89 6.19 -28.51 -16.72
CA ASN B 89 5.91 -27.13 -17.07
C ASN B 89 4.50 -26.94 -17.57
N LEU B 90 3.96 -27.91 -18.30
CA LEU B 90 2.58 -27.78 -18.76
C LEU B 90 1.64 -27.59 -17.59
N ARG B 91 1.94 -28.22 -16.46
CA ARG B 91 1.11 -28.02 -15.29
C ARG B 91 1.09 -26.56 -14.88
N THR B 92 2.26 -25.95 -14.71
CA THR B 92 2.29 -24.56 -14.28
C THR B 92 1.58 -23.66 -15.28
N PHE B 93 1.89 -23.80 -16.56
CA PHE B 93 1.34 -22.88 -17.54
C PHE B 93 -0.17 -23.03 -17.68
N LEU B 94 -0.71 -24.24 -17.49
CA LEU B 94 -2.16 -24.31 -17.44
C LEU B 94 -2.70 -24.07 -16.05
N TRP B 95 -1.85 -23.77 -15.09
CA TRP B 95 -2.35 -23.33 -13.79
C TRP B 95 -2.50 -21.83 -13.70
N ILE B 96 -1.87 -21.07 -14.59
CA ILE B 96 -1.93 -19.62 -14.50
C ILE B 96 -3.36 -19.13 -14.66
N ARG B 97 -4.12 -19.73 -15.57
CA ARG B 97 -5.44 -19.20 -15.85
C ARG B 97 -6.35 -19.28 -14.64
N VAL B 98 -6.41 -20.44 -13.98
CA VAL B 98 -7.42 -20.58 -12.93
C VAL B 98 -7.05 -19.78 -11.70
N GLN B 99 -5.76 -19.71 -11.36
CA GLN B 99 -5.36 -18.96 -10.18
C GLN B 99 -5.77 -17.50 -10.31
N GLN B 100 -5.54 -16.93 -11.48
CA GLN B 100 -5.83 -15.52 -11.66
C GLN B 100 -7.32 -15.25 -11.46
N PHE B 101 -8.17 -16.23 -11.77
CA PHE B 101 -9.59 -16.07 -11.53
C PHE B 101 -9.88 -15.87 -10.05
N THR B 102 -9.34 -16.74 -9.20
CA THR B 102 -9.58 -16.54 -7.77
C THR B 102 -8.96 -15.24 -7.29
N SER B 103 -7.75 -14.92 -7.75
CA SER B 103 -7.14 -13.67 -7.31
C SER B 103 -8.03 -12.48 -7.66
N ARG B 104 -8.73 -12.53 -8.78
CA ARG B 104 -9.62 -11.41 -9.11
C ARG B 104 -10.86 -11.44 -8.25
N ARG B 105 -11.51 -12.59 -8.11
CA ARG B 105 -12.84 -12.60 -7.50
C ARG B 105 -12.78 -12.30 -6.01
N VAL B 106 -11.59 -12.28 -5.41
CA VAL B 106 -11.48 -11.82 -4.04
C VAL B 106 -11.26 -10.32 -4.00
N GLU B 107 -10.26 -9.82 -4.74
CA GLU B 107 -9.92 -8.42 -4.63
C GLU B 107 -11.07 -7.52 -5.05
N LEU B 108 -11.73 -7.84 -6.16
CA LEU B 108 -12.87 -7.05 -6.56
C LEU B 108 -14.05 -7.21 -5.62
N LEU B 109 -14.03 -8.20 -4.74
CA LEU B 109 -15.14 -8.32 -3.80
C LEU B 109 -15.05 -7.27 -2.71
N ILE B 110 -13.97 -7.29 -1.93
CA ILE B 110 -13.91 -6.38 -0.79
C ILE B 110 -13.88 -4.93 -1.25
N PHE B 111 -13.35 -4.66 -2.43
CA PHE B 111 -13.40 -3.28 -2.89
C PHE B 111 -14.83 -2.83 -3.16
N SER B 112 -15.75 -3.74 -3.45
CA SER B 112 -17.13 -3.33 -3.56
C SER B 112 -17.88 -3.49 -2.25
N HIS B 113 -17.24 -4.02 -1.23
CA HIS B 113 -17.79 -3.99 0.11
C HIS B 113 -17.12 -2.94 0.98
N LEU B 114 -16.27 -2.12 0.39
CA LEU B 114 -15.60 -1.05 1.11
C LEU B 114 -16.12 0.32 0.69
N HIS B 115 -17.09 0.36 -0.22
CA HIS B 115 -17.85 1.56 -0.53
C HIS B 115 -19.30 1.48 -0.06
N GLU B 116 -19.63 0.53 0.79
CA GLU B 116 -21.00 0.41 1.27
C GLU B 116 -21.13 0.59 2.77
N LEU B 117 -20.03 0.61 3.52
CA LEU B 117 -20.13 0.98 4.91
C LEU B 117 -20.58 2.43 5.02
N SER B 118 -21.27 2.74 6.12
CA SER B 118 -21.74 4.11 6.28
C SER B 118 -20.57 5.04 6.59
N LEU B 119 -20.91 6.31 6.78
CA LEU B 119 -19.85 7.31 6.85
C LEU B 119 -19.03 7.19 8.13
N ARG B 120 -19.67 6.84 9.25
CA ARG B 120 -18.98 6.90 10.53
C ARG B 120 -17.75 5.99 10.54
N TRP B 121 -17.91 4.76 10.08
CA TRP B 121 -16.78 3.86 10.01
C TRP B 121 -15.65 4.47 9.20
N HIS B 122 -15.97 5.16 8.11
CA HIS B 122 -14.92 5.77 7.31
C HIS B 122 -14.20 6.87 8.05
N LEU B 123 -14.94 7.78 8.68
CA LEU B 123 -14.24 8.81 9.42
C LEU B 123 -13.38 8.22 10.53
N GLY B 124 -13.69 7.01 10.97
CA GLY B 124 -12.86 6.45 12.01
C GLY B 124 -11.68 5.60 11.56
N ARG B 125 -11.39 5.49 10.29
CA ARG B 125 -10.41 4.51 9.85
C ARG B 125 -9.01 5.08 9.87
N ARG B 126 -8.04 4.21 9.65
CA ARG B 126 -6.64 4.59 9.46
C ARG B 126 -6.20 4.04 8.12
N THR B 127 -5.86 4.93 7.17
CA THR B 127 -5.66 4.48 5.80
C THR B 127 -4.62 3.37 5.71
N GLY B 128 -3.62 3.39 6.60
CA GLY B 128 -2.64 2.33 6.59
C GLY B 128 -3.26 0.97 6.78
N GLU B 129 -4.12 0.84 7.80
CA GLU B 129 -4.71 -0.45 8.08
C GLU B 129 -5.54 -0.94 6.90
N VAL B 130 -6.47 -0.12 6.43
CA VAL B 130 -7.41 -0.62 5.42
C VAL B 130 -6.67 -0.92 4.13
N LEU B 131 -5.68 -0.11 3.78
CA LEU B 131 -4.97 -0.39 2.54
C LEU B 131 -4.11 -1.63 2.66
N ARG B 132 -3.53 -1.89 3.83
CA ARG B 132 -2.69 -3.07 3.95
C ARG B 132 -3.52 -4.34 4.05
N ILE B 133 -4.55 -4.36 4.90
CA ILE B 133 -5.22 -5.60 5.24
C ILE B 133 -5.78 -6.28 4.01
N ALA B 134 -6.08 -5.53 2.95
CA ALA B 134 -6.50 -6.17 1.71
C ALA B 134 -5.35 -6.90 1.07
N ASP B 135 -4.16 -6.32 1.10
CA ASP B 135 -3.04 -6.91 0.39
C ASP B 135 -2.67 -8.28 0.98
N ARG B 136 -2.69 -8.39 2.30
CA ARG B 136 -2.44 -9.69 2.92
C ARG B 136 -3.53 -10.68 2.54
N GLY B 137 -4.78 -10.24 2.55
CA GLY B 137 -5.87 -11.16 2.26
C GLY B 137 -5.80 -11.74 0.87
N THR B 138 -5.57 -10.88 -0.13
CA THR B 138 -5.53 -11.37 -1.49
C THR B 138 -4.29 -12.20 -1.78
N SER B 139 -3.34 -12.27 -0.87
CA SER B 139 -2.26 -13.22 -1.02
C SER B 139 -2.56 -14.55 -0.35
N SER B 140 -3.25 -14.51 0.78
CA SER B 140 -3.50 -15.74 1.50
C SER B 140 -4.37 -16.70 0.69
N VAL B 141 -5.40 -16.21 0.02
CA VAL B 141 -6.27 -17.12 -0.71
C VAL B 141 -5.52 -17.78 -1.85
N THR B 142 -4.82 -16.99 -2.65
CA THR B 142 -4.11 -17.62 -3.76
C THR B 142 -3.00 -18.52 -3.28
N GLY B 143 -2.46 -18.27 -2.09
CA GLY B 143 -1.47 -19.19 -1.56
C GLY B 143 -2.09 -20.50 -1.10
N LEU B 144 -3.19 -20.42 -0.37
CA LEU B 144 -3.83 -21.63 0.14
C LEU B 144 -4.36 -22.49 -0.99
N LEU B 145 -4.87 -21.88 -2.05
CA LEU B 145 -5.39 -22.68 -3.15
C LEU B 145 -4.27 -23.36 -3.92
N SER B 146 -3.01 -22.99 -3.64
CA SER B 146 -1.92 -23.74 -4.24
C SER B 146 -1.76 -25.10 -3.58
N TYR B 147 -1.75 -25.15 -2.25
CA TYR B 147 -1.44 -26.42 -1.58
C TYR B 147 -2.52 -27.45 -1.83
N LEU B 148 -3.78 -27.08 -1.76
CA LEU B 148 -4.81 -28.09 -1.81
C LEU B 148 -5.04 -28.62 -3.23
N VAL B 149 -4.12 -28.38 -4.16
CA VAL B 149 -4.11 -29.03 -5.44
C VAL B 149 -2.79 -29.73 -5.73
N PHE B 150 -1.68 -29.11 -5.36
CA PHE B 150 -0.40 -29.70 -5.70
C PHE B 150 0.13 -30.71 -4.68
N ASN B 151 0.05 -30.39 -3.39
CA ASN B 151 0.79 -31.20 -2.44
C ASN B 151 -0.12 -32.07 -1.58
N VAL B 152 -1.08 -31.47 -0.87
CA VAL B 152 -1.80 -32.23 0.13
C VAL B 152 -2.60 -33.37 -0.49
N ILE B 153 -3.35 -33.09 -1.56
CA ILE B 153 -4.19 -34.13 -2.16
C ILE B 153 -3.38 -35.35 -2.57
N PRO B 154 -2.26 -35.24 -3.28
CA PRO B 154 -1.50 -36.44 -3.60
C PRO B 154 -1.05 -37.23 -2.39
N THR B 155 -0.58 -36.58 -1.34
CA THR B 155 -0.10 -37.32 -0.17
C THR B 155 -1.25 -38.03 0.53
N LEU B 156 -2.40 -37.37 0.66
CA LEU B 156 -3.54 -38.03 1.27
C LEU B 156 -3.98 -39.24 0.45
N ALA B 157 -4.03 -39.09 -0.88
CA ALA B 157 -4.41 -40.23 -1.71
C ALA B 157 -3.42 -41.37 -1.56
N ASP B 158 -2.14 -41.05 -1.51
CA ASP B 158 -1.13 -42.09 -1.36
C ASP B 158 -1.29 -42.82 -0.04
N ILE B 159 -1.62 -42.09 1.04
CA ILE B 159 -1.84 -42.75 2.31
C ILE B 159 -3.05 -43.66 2.26
N ILE B 160 -4.13 -43.20 1.61
CA ILE B 160 -5.31 -44.05 1.51
C ILE B 160 -4.99 -45.34 0.75
N ILE B 161 -4.23 -45.23 -0.34
CA ILE B 161 -3.81 -46.43 -1.05
C ILE B 161 -2.96 -47.31 -0.14
N GLY B 162 -1.97 -46.72 0.53
CA GLY B 162 -1.08 -47.51 1.34
C GLY B 162 -1.78 -48.23 2.49
N ILE B 163 -2.90 -47.67 2.96
CA ILE B 163 -3.61 -48.33 4.04
C ILE B 163 -4.58 -49.37 3.50
N ILE B 164 -5.21 -49.10 2.35
CA ILE B 164 -6.06 -50.13 1.75
C ILE B 164 -5.20 -51.26 1.19
N TYR B 165 -4.13 -50.91 0.50
CA TYR B 165 -3.12 -51.90 0.14
C TYR B 165 -2.43 -52.37 1.42
N PHE B 166 -1.79 -53.53 1.34
CA PHE B 166 -1.17 -54.26 2.44
C PHE B 166 -2.21 -54.83 3.39
N SER B 167 -3.51 -54.56 3.19
CA SER B 167 -4.53 -55.18 4.01
C SER B 167 -4.61 -56.68 3.74
N MET B 168 -4.51 -57.08 2.47
CA MET B 168 -4.40 -58.50 2.16
C MET B 168 -2.99 -59.01 2.44
N PHE B 169 -1.99 -58.13 2.37
CA PHE B 169 -0.61 -58.54 2.57
C PHE B 169 -0.34 -58.89 4.02
N PHE B 170 -1.15 -58.37 4.95
CA PHE B 170 -1.05 -58.69 6.36
C PHE B 170 -2.45 -59.00 6.91
N ASN B 171 -2.58 -59.04 8.23
CA ASN B 171 -3.87 -59.24 8.87
C ASN B 171 -4.73 -58.01 8.63
N ALA B 172 -6.05 -58.23 8.55
CA ALA B 172 -6.98 -57.15 8.27
C ALA B 172 -7.01 -56.14 9.41
N TRP B 173 -6.85 -56.61 10.65
CA TRP B 173 -6.97 -55.71 11.80
C TRP B 173 -5.81 -54.75 11.90
N PHE B 174 -4.74 -54.97 11.12
CA PHE B 174 -3.56 -54.11 11.19
C PHE B 174 -3.89 -52.67 10.81
N GLY B 175 -4.74 -52.49 9.80
CA GLY B 175 -5.07 -51.14 9.35
C GLY B 175 -5.70 -50.30 10.43
N LEU B 176 -6.55 -50.90 11.27
CA LEU B 176 -7.15 -50.16 12.37
C LEU B 176 -6.07 -49.64 13.31
N ILE B 177 -5.09 -50.47 13.63
CA ILE B 177 -4.01 -50.05 14.53
C ILE B 177 -3.21 -48.91 13.91
N VAL B 178 -2.88 -49.02 12.62
CA VAL B 178 -2.12 -47.96 11.97
C VAL B 178 -2.91 -46.66 11.95
N PHE B 179 -4.21 -46.75 11.65
CA PHE B 179 -5.05 -45.55 11.62
C PHE B 179 -5.11 -44.89 12.98
N LEU B 180 -5.28 -45.69 14.04
CA LEU B 180 -5.31 -45.11 15.38
C LEU B 180 -3.98 -44.47 15.73
N CYS B 181 -2.87 -45.11 15.35
CA CYS B 181 -1.56 -44.53 15.66
C CYS B 181 -1.36 -43.20 14.94
N MET B 182 -1.77 -43.13 13.67
CA MET B 182 -1.62 -41.87 12.93
C MET B 182 -2.50 -40.78 13.54
N SER B 183 -3.72 -41.13 13.94
CA SER B 183 -4.59 -40.15 14.58
C SER B 183 -3.97 -39.65 15.88
N LEU B 184 -3.40 -40.55 16.67
CA LEU B 184 -2.77 -40.13 17.92
C LEU B 184 -1.59 -39.20 17.64
N TYR B 185 -0.78 -39.51 16.63
CA TYR B 185 0.29 -38.61 16.27
C TYR B 185 -0.26 -37.23 15.95
N LEU B 186 -1.30 -37.18 15.11
CA LEU B 186 -1.87 -35.89 14.73
C LEU B 186 -2.40 -35.14 15.95
N THR B 187 -2.90 -35.87 16.94
CA THR B 187 -3.50 -35.21 18.11
C THR B 187 -2.47 -34.42 18.90
N LEU B 188 -1.26 -34.93 19.05
CA LEU B 188 -0.26 -34.16 19.79
C LEU B 188 0.22 -32.94 19.00
N THR B 189 0.45 -33.10 17.69
CA THR B 189 1.03 -31.99 16.95
C THR B 189 0.07 -30.81 16.82
N ILE B 190 -1.23 -31.01 17.09
CA ILE B 190 -2.11 -29.85 17.12
C ILE B 190 -1.88 -29.04 18.38
N VAL B 191 -1.66 -29.70 19.53
CA VAL B 191 -1.56 -28.97 20.78
C VAL B 191 -0.25 -28.21 20.86
N VAL B 192 0.81 -28.75 20.28
CA VAL B 192 2.09 -28.05 20.34
C VAL B 192 2.05 -26.76 19.53
N THR B 193 1.35 -26.76 18.39
CA THR B 193 1.31 -25.54 17.60
C THR B 193 0.41 -24.48 18.21
N GLU B 194 -0.73 -24.88 18.77
CA GLU B 194 -1.71 -23.87 19.19
C GLU B 194 -1.11 -22.92 20.22
N TRP B 195 -0.06 -23.34 20.91
CA TRP B 195 0.68 -22.40 21.74
C TRP B 195 1.28 -21.29 20.89
N ARG B 196 1.69 -21.61 19.65
CA ARG B 196 2.34 -20.60 18.84
C ARG B 196 1.36 -19.55 18.34
N THR B 197 0.10 -19.91 18.13
CA THR B 197 -0.76 -18.98 17.43
C THR B 197 -1.04 -17.70 18.21
N LYS B 198 -0.98 -17.74 19.55
CA LYS B 198 -1.19 -16.49 20.28
C LYS B 198 0.05 -15.64 20.24
N PHE B 199 0.97 -15.95 19.34
CA PHE B 199 2.25 -15.28 19.32
C PHE B 199 2.55 -14.70 17.95
N ARG B 200 1.68 -14.91 16.98
CA ARG B 200 1.75 -14.28 15.67
C ARG B 200 0.80 -13.11 15.54
N ARG B 201 -0.31 -13.14 16.27
CA ARG B 201 -1.24 -12.03 16.20
C ARG B 201 -0.58 -10.74 16.63
N ALA B 202 0.28 -10.82 17.63
CA ALA B 202 0.98 -9.61 18.07
C ALA B 202 1.82 -9.03 16.95
N MET B 203 2.58 -9.88 16.24
CA MET B 203 3.29 -9.41 15.06
C MET B 203 2.35 -8.72 14.09
N ASN B 204 1.30 -9.42 13.69
CA ASN B 204 0.52 -8.91 12.59
C ASN B 204 -0.17 -7.61 12.98
N THR B 205 -0.72 -7.52 14.19
CA THR B 205 -1.31 -6.26 14.61
C THR B 205 -0.26 -5.16 14.68
N GLN B 206 0.90 -5.45 15.25
CA GLN B 206 1.91 -4.41 15.38
C GLN B 206 2.37 -3.89 14.03
N GLU B 207 2.28 -4.71 12.98
CA GLU B 207 2.65 -4.18 11.66
C GLU B 207 1.69 -3.11 11.19
N ASN B 208 0.40 -3.23 11.51
CA ASN B 208 -0.55 -2.26 10.99
C ASN B 208 -0.20 -0.85 11.40
N ALA B 209 0.00 -0.61 12.69
CA ALA B 209 0.26 0.76 13.12
C ALA B 209 1.52 1.32 12.49
N THR B 210 2.55 0.49 12.29
CA THR B 210 3.75 0.99 11.62
C THR B 210 3.42 1.47 10.22
N ARG B 211 2.58 0.75 9.50
CA ARG B 211 2.10 1.28 8.24
C ARG B 211 1.32 2.56 8.44
N ALA B 212 0.69 2.73 9.60
CA ALA B 212 -0.09 3.95 9.81
C ALA B 212 0.81 5.17 9.85
N ARG B 213 2.03 5.03 10.37
CA ARG B 213 2.93 6.19 10.37
C ARG B 213 3.29 6.61 8.97
N ALA B 214 3.51 5.66 8.07
CA ALA B 214 4.00 6.03 6.75
C ALA B 214 2.96 6.81 5.97
N VAL B 215 1.87 6.16 5.59
CA VAL B 215 0.92 6.81 4.71
C VAL B 215 0.32 8.05 5.37
N ASP B 216 0.09 8.01 6.67
CA ASP B 216 -0.51 9.16 7.30
C ASP B 216 0.46 10.34 7.34
N SER B 217 1.74 10.08 7.53
CA SER B 217 2.71 11.16 7.43
C SER B 217 2.81 11.69 6.01
N LEU B 218 3.01 10.79 5.06
CA LEU B 218 3.17 11.20 3.66
C LEU B 218 1.91 11.83 3.11
N LEU B 219 0.77 11.67 3.77
CA LEU B 219 -0.48 12.21 3.30
C LEU B 219 -0.60 13.71 3.53
N ASN B 220 0.25 14.28 4.38
CA ASN B 220 0.25 15.72 4.59
C ASN B 220 1.70 16.20 4.67
N PHE B 221 2.25 16.51 3.50
CA PHE B 221 3.55 17.14 3.40
C PHE B 221 3.58 18.53 4.02
N GLU B 222 2.53 19.32 3.79
CA GLU B 222 2.59 20.73 4.15
C GLU B 222 2.79 20.90 5.65
N THR B 223 2.03 20.17 6.45
CA THR B 223 2.15 20.37 7.88
C THR B 223 3.44 19.79 8.45
N VAL B 224 4.20 19.03 7.67
CA VAL B 224 5.46 18.52 8.17
C VAL B 224 6.64 19.30 7.60
N LYS B 225 6.41 20.14 6.59
CA LYS B 225 7.45 21.04 6.11
C LYS B 225 7.33 22.43 6.68
N TYR B 226 6.11 22.89 6.99
CA TYR B 226 5.95 24.26 7.48
C TYR B 226 6.71 24.45 8.77
N TYR B 227 6.56 23.53 9.70
CA TYR B 227 7.50 23.46 10.81
C TYR B 227 8.65 22.54 10.41
N ASN B 228 9.65 22.45 11.27
CA ASN B 228 10.82 21.67 10.92
C ASN B 228 10.65 20.23 11.35
N ALA B 229 11.17 19.32 10.53
CA ALA B 229 10.96 17.91 10.70
C ALA B 229 12.10 17.17 10.00
N GLU B 230 11.90 15.89 9.72
CA GLU B 230 12.93 14.98 9.22
C GLU B 230 13.99 14.74 10.27
N SER B 231 13.93 15.47 11.37
CA SER B 231 14.70 15.15 12.56
C SER B 231 13.79 14.63 13.64
N TYR B 232 12.49 14.59 13.39
CA TYR B 232 11.54 13.97 14.29
C TYR B 232 10.73 12.88 13.59
N GLU B 233 10.34 13.09 12.33
CA GLU B 233 9.50 12.09 11.69
C GLU B 233 10.27 10.82 11.39
N VAL B 234 11.45 10.92 10.80
CA VAL B 234 12.27 9.74 10.60
C VAL B 234 12.55 9.05 11.91
N GLU B 235 12.94 9.83 12.92
CA GLU B 235 13.31 9.24 14.20
C GLU B 235 12.16 8.45 14.79
N ARG B 236 10.95 8.99 14.74
CA ARG B 236 9.83 8.23 15.25
C ARG B 236 9.50 7.05 14.34
N TYR B 237 9.76 7.16 13.05
CA TYR B 237 9.47 6.05 12.16
C TYR B 237 10.36 4.86 12.48
N ARG B 238 11.60 5.12 12.89
CA ARG B 238 12.48 4.01 13.24
C ARG B 238 11.92 3.21 14.40
N GLU B 239 11.39 3.90 15.41
CA GLU B 239 10.91 3.21 16.60
C GLU B 239 9.81 2.23 16.26
N ALA B 240 8.88 2.61 15.41
CA ALA B 240 7.83 1.68 15.02
C ALA B 240 8.35 0.60 14.09
N ILE B 241 9.66 0.59 13.80
CA ILE B 241 10.25 -0.59 13.17
C ILE B 241 10.86 -1.51 14.20
N ILE B 242 11.65 -0.96 15.14
CA ILE B 242 12.37 -1.80 16.09
C ILE B 242 11.42 -2.71 16.85
N LYS B 243 10.29 -2.18 17.30
CA LYS B 243 9.32 -3.01 18.00
C LYS B 243 8.88 -4.17 17.11
N TYR B 244 8.46 -3.86 15.89
CA TYR B 244 8.11 -4.89 14.92
C TYR B 244 9.25 -5.87 14.70
N GLN B 245 10.46 -5.35 14.56
CA GLN B 245 11.59 -6.20 14.24
C GLN B 245 11.83 -7.23 15.34
N GLY B 246 11.90 -6.78 16.58
CA GLY B 246 12.07 -7.70 17.69
C GLY B 246 10.93 -8.68 17.79
N LEU B 247 9.71 -8.23 17.50
CA LEU B 247 8.60 -9.17 17.62
C LEU B 247 8.71 -10.27 16.57
N GLU B 248 9.13 -9.92 15.37
CA GLU B 248 9.35 -10.97 14.37
C GLU B 248 10.44 -11.92 14.83
N TRP B 249 11.53 -11.38 15.38
CA TRP B 249 12.54 -12.25 15.99
C TRP B 249 11.89 -13.30 16.87
N LYS B 250 11.12 -12.84 17.85
CA LYS B 250 10.59 -13.79 18.80
C LYS B 250 9.61 -14.75 18.15
N SER B 251 9.02 -14.38 17.02
CA SER B 251 8.14 -15.34 16.38
C SER B 251 8.89 -16.38 15.56
N SER B 252 9.56 -15.94 14.50
CA SER B 252 10.08 -16.89 13.52
C SER B 252 11.03 -17.89 14.12
N ALA B 253 11.64 -17.58 15.26
CA ALA B 253 12.42 -18.61 15.95
C ALA B 253 11.55 -19.75 16.44
N SER B 254 10.37 -19.44 16.98
CA SER B 254 9.51 -20.48 17.52
C SER B 254 9.18 -21.53 16.47
N LEU B 255 9.19 -21.16 15.19
CA LEU B 255 9.01 -22.17 14.16
C LEU B 255 10.16 -23.17 14.17
N VAL B 256 11.38 -22.69 14.34
CA VAL B 256 12.54 -23.57 14.23
C VAL B 256 12.57 -24.56 15.39
N LEU B 257 12.33 -24.08 16.61
CA LEU B 257 12.31 -25.01 17.73
C LEU B 257 11.20 -26.03 17.57
N LEU B 258 10.01 -25.60 17.16
CA LEU B 258 8.91 -26.53 17.05
C LEU B 258 8.91 -27.26 15.72
N ASN B 259 9.96 -27.10 14.92
CA ASN B 259 10.18 -27.98 13.78
C ASN B 259 11.30 -28.98 14.04
N GLN B 260 12.32 -28.57 14.79
CA GLN B 260 13.37 -29.52 15.13
C GLN B 260 12.89 -30.50 16.20
N THR B 261 12.20 -30.00 17.23
CA THR B 261 11.85 -30.89 18.35
C THR B 261 10.89 -31.98 17.91
N GLN B 262 10.05 -31.71 16.92
CA GLN B 262 9.25 -32.79 16.36
C GLN B 262 10.15 -33.88 15.78
N ASN B 263 11.23 -33.49 15.12
CA ASN B 263 12.16 -34.45 14.53
C ASN B 263 12.78 -35.34 15.59
N LEU B 264 13.13 -34.78 16.75
CA LEU B 264 13.87 -35.54 17.75
C LEU B 264 13.05 -36.73 18.24
N VAL B 265 11.73 -36.58 18.27
CA VAL B 265 10.87 -37.71 18.61
C VAL B 265 11.07 -38.85 17.62
N ILE B 266 11.04 -38.54 16.32
CA ILE B 266 11.17 -39.57 15.30
C ILE B 266 12.57 -40.18 15.32
N GLY B 267 13.58 -39.35 15.56
CA GLY B 267 14.94 -39.86 15.64
C GLY B 267 15.13 -40.81 16.79
N LEU B 268 14.57 -40.48 17.96
CA LEU B 268 14.64 -41.40 19.08
C LEU B 268 13.85 -42.67 18.80
N GLY B 269 12.71 -42.56 18.11
CA GLY B 269 11.97 -43.75 17.74
C GLY B 269 12.78 -44.68 16.84
N LEU B 270 13.45 -44.11 15.85
CA LEU B 270 14.29 -44.94 14.98
C LEU B 270 15.49 -45.51 15.71
N LEU B 271 16.05 -44.75 16.66
CA LEU B 271 17.12 -45.29 17.48
C LEU B 271 16.64 -46.51 18.27
N ALA B 272 15.45 -46.41 18.86
CA ALA B 272 14.89 -47.55 19.60
C ALA B 272 14.67 -48.74 18.68
N GLY B 273 14.12 -48.49 17.48
CA GLY B 273 13.91 -49.57 16.54
C GLY B 273 15.21 -50.26 16.14
N SER B 274 16.24 -49.47 15.84
CA SER B 274 17.52 -50.04 15.44
C SER B 274 18.16 -50.82 16.58
N LEU B 275 18.07 -50.30 17.80
CA LEU B 275 18.65 -51.00 18.94
C LEU B 275 17.94 -52.32 19.20
N LEU B 276 16.61 -52.32 19.10
CA LEU B 276 15.88 -53.57 19.24
C LEU B 276 16.25 -54.56 18.14
N CYS B 277 16.40 -54.06 16.90
CA CYS B 277 16.80 -54.93 15.80
C CYS B 277 18.17 -55.54 16.05
N ALA B 278 19.13 -54.73 16.53
CA ALA B 278 20.46 -55.25 16.82
C ALA B 278 20.42 -56.27 17.95
N TYR B 279 19.63 -56.01 18.98
CA TYR B 279 19.50 -56.96 20.09
C TYR B 279 18.94 -58.29 19.61
N PHE B 280 17.95 -58.23 18.70
CA PHE B 280 17.39 -59.46 18.14
C PHE B 280 18.41 -60.18 17.24
N VAL B 281 19.17 -59.42 16.46
CA VAL B 281 20.13 -60.03 15.54
C VAL B 281 21.25 -60.72 16.31
N THR B 282 21.68 -60.12 17.42
CA THR B 282 22.86 -60.60 18.14
C THR B 282 22.55 -61.92 18.84
N GLU B 283 22.36 -62.95 18.02
CA GLU B 283 22.21 -64.34 18.45
C GLU B 283 21.07 -64.57 19.43
N GLN B 284 20.12 -63.63 19.54
CA GLN B 284 19.04 -63.80 20.50
C GLN B 284 18.13 -64.95 20.11
N LYS B 285 17.78 -65.05 18.83
CA LYS B 285 17.01 -66.17 18.30
C LYS B 285 17.76 -66.71 17.07
N LEU B 286 18.40 -65.79 16.35
CA LEU B 286 19.16 -66.13 15.15
C LEU B 286 19.95 -64.91 14.67
N GLN B 287 20.94 -65.14 13.80
CA GLN B 287 21.68 -64.02 13.23
C GLN B 287 20.98 -63.45 12.01
N VAL B 288 19.67 -63.67 11.91
CA VAL B 288 18.87 -63.23 10.76
C VAL B 288 18.97 -61.71 10.62
N GLY B 289 19.23 -61.26 9.40
CA GLY B 289 19.31 -59.84 9.13
C GLY B 289 17.99 -59.23 8.74
N ASP B 290 17.08 -59.10 9.71
CA ASP B 290 15.75 -58.55 9.46
C ASP B 290 15.77 -57.04 9.29
N TYR B 291 16.93 -56.40 9.51
CA TYR B 291 17.01 -54.95 9.44
C TYR B 291 16.69 -54.45 8.04
N VAL B 292 17.06 -55.23 7.01
CA VAL B 292 16.84 -54.78 5.65
C VAL B 292 15.35 -54.65 5.35
N LEU B 293 14.53 -55.59 5.85
CA LEU B 293 13.08 -55.48 5.68
C LEU B 293 12.51 -54.41 6.61
N PHE B 294 13.01 -54.36 7.85
CA PHE B 294 12.43 -53.43 8.82
C PHE B 294 12.64 -51.98 8.41
N GLY B 295 13.83 -51.66 7.90
CA GLY B 295 14.14 -50.27 7.59
C GLY B 295 13.20 -49.67 6.57
N THR B 296 12.86 -50.43 5.52
CA THR B 296 11.88 -49.97 4.55
C THR B 296 10.53 -49.77 5.20
N TYR B 297 10.14 -50.68 6.10
CA TYR B 297 8.90 -50.50 6.84
C TYR B 297 8.98 -49.26 7.72
N ILE B 298 10.13 -49.03 8.35
CA ILE B 298 10.30 -47.87 9.20
C ILE B 298 10.26 -46.59 8.39
N ILE B 299 10.91 -46.56 7.22
CA ILE B 299 10.90 -45.37 6.39
C ILE B 299 9.49 -45.07 5.90
N GLN B 300 8.68 -46.12 5.74
CA GLN B 300 7.28 -45.94 5.37
C GLN B 300 6.54 -45.13 6.42
N LEU B 301 6.80 -45.40 7.70
CA LEU B 301 6.17 -44.61 8.75
C LEU B 301 6.84 -43.25 8.87
N TYR B 302 8.13 -43.18 8.54
CA TYR B 302 8.86 -41.92 8.61
C TYR B 302 8.31 -40.87 7.68
N MET B 303 8.45 -41.09 6.37
CA MET B 303 8.29 -39.95 5.46
C MET B 303 6.82 -39.58 5.26
N PRO B 304 5.91 -40.51 4.98
CA PRO B 304 4.48 -40.13 4.93
C PRO B 304 3.91 -39.60 6.23
N LEU B 305 4.71 -39.42 7.27
CA LEU B 305 4.25 -38.72 8.48
C LEU B 305 4.98 -37.42 8.74
N ASN B 306 6.29 -37.38 8.56
CA ASN B 306 7.00 -36.11 8.67
C ASN B 306 6.51 -35.15 7.60
N ALA B 307 6.28 -35.65 6.39
CA ALA B 307 5.72 -34.81 5.35
C ALA B 307 4.33 -34.34 5.73
N PHE B 308 3.53 -35.22 6.31
CA PHE B 308 2.18 -34.81 6.71
C PHE B 308 2.24 -33.71 7.77
N GLY B 309 3.13 -33.85 8.74
CA GLY B 309 3.24 -32.82 9.76
C GLY B 309 3.72 -31.49 9.20
N THR B 310 4.82 -31.51 8.45
CA THR B 310 5.40 -30.25 8.00
C THR B 310 4.52 -29.55 6.98
N TYR B 311 3.49 -30.21 6.48
CA TYR B 311 2.40 -29.51 5.82
C TYR B 311 1.18 -29.38 6.71
N TYR B 312 1.38 -29.07 7.98
CA TYR B 312 0.30 -28.59 8.82
C TYR B 312 0.56 -27.20 9.38
N ARG B 313 1.78 -26.68 9.23
CA ARG B 313 2.07 -25.38 9.83
C ARG B 313 1.76 -24.25 8.87
N MET B 314 2.00 -24.46 7.58
CA MET B 314 1.68 -23.44 6.60
C MET B 314 0.19 -23.15 6.60
N ILE B 315 -0.64 -24.19 6.70
CA ILE B 315 -2.07 -23.97 6.72
C ILE B 315 -2.46 -23.09 7.90
N GLN B 316 -1.85 -23.33 9.06
CA GLN B 316 -2.18 -22.53 10.23
C GLN B 316 -1.80 -21.08 10.03
N THR B 317 -0.63 -20.82 9.46
CA THR B 317 -0.26 -19.43 9.22
C THR B 317 -1.25 -18.76 8.27
N ASN B 318 -1.63 -19.47 7.21
CA ASN B 318 -2.54 -18.87 6.25
C ASN B 318 -3.88 -18.52 6.89
N PHE B 319 -4.39 -19.40 7.76
CA PHE B 319 -5.65 -19.02 8.39
C PHE B 319 -5.49 -17.93 9.43
N ILE B 320 -4.30 -17.77 10.03
CA ILE B 320 -4.14 -16.60 10.89
C ILE B 320 -4.29 -15.31 10.08
N ASP B 321 -3.65 -15.26 8.93
CA ASP B 321 -3.75 -14.04 8.13
C ASP B 321 -5.17 -13.80 7.63
N MET B 322 -5.81 -14.82 7.08
CA MET B 322 -7.20 -14.62 6.71
C MET B 322 -8.05 -14.25 7.90
N GLU B 323 -7.70 -14.71 9.11
CA GLU B 323 -8.48 -14.37 10.29
C GLU B 323 -8.42 -12.87 10.53
N ASN B 324 -7.25 -12.28 10.37
CA ASN B 324 -7.25 -10.83 10.47
C ASN B 324 -8.02 -10.18 9.34
N MET B 325 -8.19 -10.88 8.22
CA MET B 325 -8.92 -10.24 7.11
C MET B 325 -10.44 -10.31 7.26
N PHE B 326 -10.98 -11.42 7.79
CA PHE B 326 -12.43 -11.61 7.76
C PHE B 326 -13.18 -10.48 8.46
N ASP B 327 -12.62 -9.95 9.55
CA ASP B 327 -13.36 -9.00 10.36
C ASP B 327 -13.86 -7.83 9.52
N LEU B 328 -13.14 -7.46 8.48
CA LEU B 328 -13.56 -6.33 7.66
C LEU B 328 -14.79 -6.68 6.83
N LEU B 329 -15.06 -7.97 6.62
CA LEU B 329 -16.26 -8.34 5.89
C LEU B 329 -17.46 -8.53 6.79
N LYS B 330 -17.27 -8.90 8.05
CA LYS B 330 -18.41 -9.15 8.90
C LYS B 330 -19.14 -7.88 9.30
N GLU B 331 -18.48 -6.72 9.22
CA GLU B 331 -19.11 -5.48 9.66
C GLU B 331 -20.33 -5.17 8.82
N GLU B 332 -21.33 -4.57 9.45
CA GLU B 332 -22.59 -4.28 8.81
C GLU B 332 -22.79 -2.78 8.67
N THR B 333 -23.62 -2.40 7.71
CA THR B 333 -23.94 -1.00 7.52
C THR B 333 -24.64 -0.44 8.75
N GLU B 334 -24.25 0.76 9.15
CA GLU B 334 -24.89 1.38 10.31
C GLU B 334 -26.36 1.65 10.05
N VAL B 335 -26.71 2.07 8.84
CA VAL B 335 -28.09 2.25 8.42
C VAL B 335 -28.37 1.29 7.27
N LYS B 336 -29.53 0.65 7.30
CA LYS B 336 -29.89 -0.31 6.26
C LYS B 336 -31.32 -0.07 5.80
N ASP B 337 -31.57 -0.43 4.55
CA ASP B 337 -32.90 -0.27 3.98
C ASP B 337 -33.89 -1.13 4.74
N LEU B 338 -35.08 -0.59 4.95
CA LEU B 338 -36.16 -1.43 5.41
C LEU B 338 -36.58 -2.38 4.29
N PRO B 339 -36.62 -3.68 4.55
CA PRO B 339 -36.90 -4.62 3.47
C PRO B 339 -38.25 -4.36 2.81
N GLY B 340 -38.27 -4.48 1.49
CA GLY B 340 -39.47 -4.22 0.72
C GLY B 340 -39.82 -2.74 0.66
N ALA B 341 -39.01 -1.95 -0.02
CA ALA B 341 -39.18 -0.51 -0.08
C ALA B 341 -39.48 -0.07 -1.50
N GLY B 342 -40.47 0.80 -1.65
CA GLY B 342 -40.84 1.34 -2.94
C GLY B 342 -40.18 2.68 -3.21
N PRO B 343 -39.83 2.93 -4.46
CA PRO B 343 -39.12 4.17 -4.80
C PRO B 343 -39.97 5.40 -4.52
N LEU B 344 -39.27 6.49 -4.21
CA LEU B 344 -39.92 7.72 -3.79
C LEU B 344 -40.60 8.43 -4.97
N ARG B 345 -41.68 9.12 -4.67
CA ARG B 345 -42.42 9.91 -5.65
C ARG B 345 -42.16 11.38 -5.39
N PHE B 346 -41.74 12.10 -6.41
CA PHE B 346 -41.28 13.48 -6.25
C PHE B 346 -42.15 14.40 -7.10
N GLN B 347 -42.81 15.36 -6.44
CA GLN B 347 -43.73 16.24 -7.14
C GLN B 347 -43.18 17.65 -7.12
N LYS B 348 -42.96 18.26 -5.96
CA LYS B 348 -42.53 19.65 -5.89
C LYS B 348 -41.40 19.87 -4.89
N GLY B 349 -41.08 18.87 -4.08
CA GLY B 349 -39.99 19.01 -3.13
C GLY B 349 -40.28 19.89 -1.94
N ARG B 350 -41.41 19.68 -1.27
CA ARG B 350 -41.58 20.28 0.04
C ARG B 350 -40.96 19.37 1.11
N ILE B 351 -40.27 19.99 2.07
CA ILE B 351 -39.60 19.25 3.13
C ILE B 351 -40.10 19.77 4.47
N GLU B 352 -40.29 18.83 5.41
CA GLU B 352 -40.90 19.15 6.70
C GLU B 352 -40.13 18.44 7.80
N PHE B 353 -39.85 19.17 8.88
CA PHE B 353 -39.25 18.60 10.07
C PHE B 353 -40.28 18.57 11.18
N GLU B 354 -40.16 17.56 12.06
CA GLU B 354 -41.11 17.38 13.17
C GLU B 354 -40.37 16.84 14.38
N ASN B 355 -39.95 17.74 15.27
CA ASN B 355 -39.47 17.38 16.60
C ASN B 355 -38.36 16.32 16.53
N VAL B 356 -37.23 16.70 15.96
CA VAL B 356 -36.13 15.77 15.78
C VAL B 356 -35.14 15.91 16.92
N HIS B 357 -34.68 14.79 17.45
CA HIS B 357 -33.63 14.74 18.47
C HIS B 357 -32.52 13.83 17.99
N PHE B 358 -31.27 14.23 18.21
CA PHE B 358 -30.17 13.48 17.62
C PHE B 358 -28.86 13.78 18.34
N SER B 359 -28.07 12.73 18.57
CA SER B 359 -26.78 12.85 19.22
C SER B 359 -25.80 11.89 18.56
N TYR B 360 -24.50 12.09 18.83
CA TYR B 360 -23.49 11.28 18.13
C TYR B 360 -23.04 10.11 18.99
N ALA B 361 -22.80 10.34 20.28
CA ALA B 361 -22.27 9.27 21.11
C ALA B 361 -22.88 9.26 22.51
N ASP B 362 -24.10 9.73 22.68
CA ASP B 362 -24.86 9.73 23.92
C ASP B 362 -24.22 10.58 25.01
N GLY B 363 -23.10 11.24 24.74
CA GLY B 363 -22.50 12.10 25.75
C GLY B 363 -23.37 13.31 26.06
N ARG B 364 -23.92 13.93 25.03
CA ARG B 364 -24.77 15.09 25.20
C ARG B 364 -25.70 15.22 24.00
N GLU B 365 -26.77 15.99 24.19
CA GLU B 365 -27.70 16.26 23.11
C GLU B 365 -27.04 17.21 22.12
N THR B 366 -27.15 16.89 20.83
CA THR B 366 -26.60 17.76 19.80
C THR B 366 -27.66 18.62 19.12
N LEU B 367 -28.84 18.07 18.85
CA LEU B 367 -29.96 18.84 18.33
C LEU B 367 -31.15 18.62 19.25
N GLN B 368 -31.79 19.71 19.65
CA GLN B 368 -32.98 19.64 20.50
C GLN B 368 -34.16 20.29 19.79
N ASP B 369 -35.24 19.52 19.67
CA ASP B 369 -36.56 19.97 19.23
C ASP B 369 -36.50 21.03 18.12
N VAL B 370 -35.84 20.67 17.03
CA VAL B 370 -35.84 21.50 15.84
C VAL B 370 -37.16 21.30 15.11
N SER B 371 -37.78 22.40 14.68
CA SER B 371 -39.05 22.31 13.95
C SER B 371 -39.13 23.44 12.95
N PHE B 372 -39.17 23.10 11.66
CA PHE B 372 -39.25 24.11 10.61
C PHE B 372 -39.76 23.46 9.35
N THR B 373 -40.53 24.21 8.58
CA THR B 373 -41.06 23.75 7.30
C THR B 373 -40.81 24.83 6.25
N VAL B 374 -40.54 24.41 5.02
CA VAL B 374 -40.37 25.32 3.90
C VAL B 374 -41.22 24.85 2.74
N MET B 375 -42.03 25.76 2.20
CA MET B 375 -42.87 25.47 1.04
C MET B 375 -42.05 25.59 -0.24
N PRO B 376 -42.48 24.91 -1.31
CA PRO B 376 -41.68 24.89 -2.53
C PRO B 376 -41.47 26.28 -3.10
N GLY B 377 -40.28 26.51 -3.64
CA GLY B 377 -39.96 27.75 -4.30
C GLY B 377 -39.37 28.83 -3.43
N GLN B 378 -38.92 28.51 -2.22
CA GLN B 378 -38.39 29.52 -1.32
C GLN B 378 -36.96 29.20 -0.94
N THR B 379 -36.37 30.09 -0.17
CA THR B 379 -35.00 29.96 0.29
C THR B 379 -34.91 30.11 1.80
N LEU B 380 -34.37 29.08 2.43
CA LEU B 380 -34.17 29.04 3.87
C LEU B 380 -32.68 29.21 4.18
N ALA B 381 -32.36 30.11 5.09
CA ALA B 381 -30.97 30.37 5.41
C ALA B 381 -30.75 30.22 6.91
N LEU B 382 -29.73 29.45 7.28
CA LEU B 382 -29.33 29.27 8.66
C LEU B 382 -28.11 30.12 8.94
N VAL B 383 -28.12 30.84 10.05
CA VAL B 383 -26.95 31.64 10.45
C VAL B 383 -26.76 31.48 11.95
N GLY B 384 -25.52 31.18 12.37
CA GLY B 384 -25.20 31.06 13.76
C GLY B 384 -23.73 30.83 14.05
N PRO B 385 -23.33 31.05 15.31
CA PRO B 385 -21.92 30.89 15.65
C PRO B 385 -21.46 29.46 15.52
N SER B 386 -20.17 29.29 15.26
CA SER B 386 -19.64 27.99 14.88
C SER B 386 -19.88 26.96 15.96
N GLY B 387 -20.06 25.72 15.55
CA GLY B 387 -20.25 24.64 16.48
C GLY B 387 -21.67 24.48 16.96
N ALA B 388 -22.57 25.40 16.64
CA ALA B 388 -23.95 25.22 17.05
C ALA B 388 -24.56 23.99 16.41
N GLY B 389 -24.22 23.72 15.17
CA GLY B 389 -24.69 22.50 14.54
C GLY B 389 -25.49 22.68 13.27
N LYS B 390 -25.22 23.73 12.50
CA LYS B 390 -25.86 23.81 11.19
C LYS B 390 -25.42 22.69 10.28
N SER B 391 -24.12 22.36 10.28
CA SER B 391 -23.63 21.32 9.38
C SER B 391 -24.32 19.99 9.65
N THR B 392 -24.57 19.65 10.91
CA THR B 392 -25.26 18.39 11.18
C THR B 392 -26.68 18.40 10.64
N ILE B 393 -27.41 19.50 10.83
CA ILE B 393 -28.77 19.56 10.30
C ILE B 393 -28.75 19.37 8.80
N LEU B 394 -27.79 19.97 8.11
CA LEU B 394 -27.68 19.74 6.68
C LEU B 394 -27.35 18.29 6.38
N ARG B 395 -26.43 17.69 7.12
CA ARG B 395 -25.98 16.34 6.81
C ARG B 395 -27.07 15.32 7.07
N LEU B 396 -28.03 15.65 7.93
CA LEU B 396 -29.04 14.67 8.30
C LEU B 396 -30.08 14.47 7.21
N LEU B 397 -30.51 15.55 6.54
CA LEU B 397 -31.56 15.45 5.55
C LEU B 397 -31.18 14.52 4.41
N PHE B 398 -29.90 14.29 4.20
CA PHE B 398 -29.44 13.43 3.13
C PHE B 398 -29.36 11.97 3.56
N ARG B 399 -29.73 11.66 4.81
CA ARG B 399 -29.67 10.31 5.34
C ARG B 399 -28.26 9.71 5.19
N PHE B 400 -27.33 10.31 5.91
CA PHE B 400 -26.06 9.68 6.25
C PHE B 400 -26.15 8.96 7.58
N TYR B 401 -26.54 9.68 8.62
CA TYR B 401 -26.86 9.12 9.91
C TYR B 401 -28.36 8.89 9.98
N ASP B 402 -28.87 8.57 11.17
CA ASP B 402 -30.29 8.30 11.34
C ASP B 402 -30.81 8.96 12.61
N ILE B 403 -32.08 9.33 12.58
CA ILE B 403 -32.71 10.11 13.64
C ILE B 403 -32.90 9.27 14.89
N SER B 404 -33.33 9.91 15.97
CA SER B 404 -33.62 9.21 17.21
C SER B 404 -35.06 9.30 17.66
N SER B 405 -35.79 10.34 17.27
CA SER B 405 -37.20 10.48 17.62
C SER B 405 -37.84 11.48 16.67
N GLY B 406 -39.12 11.27 16.37
CA GLY B 406 -39.78 12.08 15.37
C GLY B 406 -39.54 11.54 13.97
N CYS B 407 -39.71 12.42 12.98
CA CYS B 407 -39.48 12.03 11.60
C CYS B 407 -39.40 13.27 10.74
N ILE B 408 -38.81 13.11 9.56
CA ILE B 408 -38.71 14.17 8.57
C ILE B 408 -39.38 13.69 7.29
N ARG B 409 -40.18 14.56 6.68
CA ARG B 409 -40.98 14.17 5.53
C ARG B 409 -40.56 14.95 4.30
N ILE B 410 -40.40 14.25 3.19
CA ILE B 410 -40.12 14.86 1.89
C ILE B 410 -41.35 14.63 1.02
N ASP B 411 -41.98 15.72 0.60
CA ASP B 411 -43.21 15.67 -0.18
C ASP B 411 -44.25 14.80 0.51
N GLY B 412 -44.48 15.11 1.79
CA GLY B 412 -45.51 14.42 2.55
C GLY B 412 -45.28 12.94 2.68
N GLN B 413 -44.03 12.50 2.75
CA GLN B 413 -43.71 11.08 2.85
C GLN B 413 -42.52 10.91 3.77
N ASP B 414 -42.55 9.87 4.59
CA ASP B 414 -41.43 9.58 5.45
C ASP B 414 -40.23 9.18 4.63
N ILE B 415 -39.04 9.34 5.20
CA ILE B 415 -37.83 8.82 4.58
C ILE B 415 -37.32 7.56 5.25
N SER B 416 -37.97 7.10 6.31
CA SER B 416 -37.57 5.83 6.88
C SER B 416 -37.91 4.67 5.96
N GLN B 417 -38.97 4.81 5.16
CA GLN B 417 -39.41 3.72 4.29
C GLN B 417 -38.64 3.67 2.99
N VAL B 418 -38.45 4.80 2.32
CA VAL B 418 -37.88 4.79 0.98
C VAL B 418 -36.42 4.37 1.03
N THR B 419 -36.03 3.50 0.11
CA THR B 419 -34.65 3.06 0.03
C THR B 419 -33.74 4.24 -0.26
N GLN B 420 -32.55 4.23 0.34
CA GLN B 420 -31.66 5.36 0.17
C GLN B 420 -31.16 5.49 -1.26
N ALA B 421 -31.18 4.41 -2.03
CA ALA B 421 -30.67 4.50 -3.39
C ALA B 421 -31.44 5.51 -4.22
N SER B 422 -32.75 5.60 -4.02
CA SER B 422 -33.53 6.59 -4.75
C SER B 422 -33.36 7.99 -4.19
N LEU B 423 -33.20 8.12 -2.87
CA LEU B 423 -33.27 9.43 -2.25
C LEU B 423 -32.15 10.34 -2.72
N ARG B 424 -30.95 9.79 -2.87
CA ARG B 424 -29.80 10.63 -3.19
C ARG B 424 -29.87 11.14 -4.62
N SER B 425 -30.74 10.55 -5.44
CA SER B 425 -30.80 10.95 -6.84
C SER B 425 -31.38 12.34 -7.01
N HIS B 426 -32.38 12.70 -6.21
CA HIS B 426 -33.05 13.97 -6.40
C HIS B 426 -32.25 15.13 -5.79
N ILE B 427 -31.48 14.87 -4.75
CA ILE B 427 -30.86 15.93 -3.96
C ILE B 427 -29.49 16.26 -4.54
N GLY B 428 -29.15 17.55 -4.57
CA GLY B 428 -27.83 17.96 -4.99
C GLY B 428 -27.14 18.72 -3.87
N VAL B 429 -25.85 18.46 -3.71
CA VAL B 429 -25.09 19.02 -2.60
C VAL B 429 -23.73 19.46 -3.11
N VAL B 430 -23.25 20.59 -2.62
CA VAL B 430 -21.86 21.01 -2.78
C VAL B 430 -21.23 21.05 -1.40
N PRO B 431 -20.15 20.33 -1.16
CA PRO B 431 -19.72 20.06 0.21
C PRO B 431 -19.10 21.27 0.88
N GLN B 432 -18.80 21.11 2.16
CA GLN B 432 -18.15 22.17 2.92
C GLN B 432 -16.67 22.29 2.54
N ASP B 433 -16.00 21.16 2.38
CA ASP B 433 -14.61 21.13 1.92
C ASP B 433 -14.53 20.28 0.66
N THR B 434 -14.03 20.89 -0.42
CA THR B 434 -14.03 20.25 -1.73
C THR B 434 -12.89 19.26 -1.83
N VAL B 435 -13.09 18.21 -2.61
CA VAL B 435 -12.02 17.30 -3.00
C VAL B 435 -12.16 17.05 -4.50
N LEU B 436 -11.10 16.56 -5.12
CA LEU B 436 -11.09 16.33 -6.56
C LEU B 436 -10.33 15.05 -6.90
N PHE B 437 -10.82 14.35 -7.93
CA PHE B 437 -10.07 13.22 -8.44
C PHE B 437 -8.85 13.69 -9.21
N ASN B 438 -7.78 12.92 -9.14
CA ASN B 438 -6.52 13.28 -9.80
C ASN B 438 -6.67 13.01 -11.29
N ASP B 439 -7.37 13.92 -11.97
CA ASP B 439 -7.52 13.84 -13.40
C ASP B 439 -7.97 15.20 -13.88
N THR B 440 -7.95 15.37 -15.20
CA THR B 440 -8.21 16.67 -15.83
C THR B 440 -9.56 17.25 -15.40
N ILE B 441 -9.69 18.56 -15.59
CA ILE B 441 -10.92 19.25 -15.21
C ILE B 441 -12.10 18.66 -15.95
N ALA B 442 -11.92 18.31 -17.22
CA ALA B 442 -13.01 17.79 -18.02
C ALA B 442 -13.61 16.54 -17.39
N ASP B 443 -12.81 15.78 -16.62
CA ASP B 443 -13.36 14.59 -16.00
C ASP B 443 -14.09 14.91 -14.71
N ASN B 444 -13.51 15.74 -13.84
CA ASN B 444 -14.18 16.05 -12.58
C ASN B 444 -15.48 16.79 -12.81
N ILE B 445 -15.50 17.77 -13.70
CA ILE B 445 -16.72 18.56 -13.83
C ILE B 445 -17.82 17.73 -14.50
N ARG B 446 -17.45 16.73 -15.28
CA ARG B 446 -18.41 15.88 -15.97
C ARG B 446 -19.02 14.82 -15.06
N TYR B 447 -18.37 14.53 -13.94
CA TYR B 447 -18.71 13.36 -13.14
C TYR B 447 -20.18 13.30 -12.74
N GLY B 448 -20.92 14.39 -12.90
CA GLY B 448 -22.29 14.40 -12.41
C GLY B 448 -23.23 13.49 -13.18
N ARG B 449 -23.16 13.53 -14.51
CA ARG B 449 -24.03 12.73 -15.36
C ARG B 449 -23.18 12.18 -16.48
N VAL B 450 -22.71 10.94 -16.33
CA VAL B 450 -21.69 10.42 -17.22
C VAL B 450 -22.17 10.42 -18.66
N THR B 451 -23.48 10.27 -18.86
CA THR B 451 -24.03 10.26 -20.20
C THR B 451 -23.84 11.60 -20.90
N ALA B 452 -23.78 12.69 -20.14
CA ALA B 452 -23.83 14.02 -20.73
C ALA B 452 -22.67 14.26 -21.68
N GLY B 453 -22.94 15.02 -22.74
CA GLY B 453 -21.96 15.22 -23.78
C GLY B 453 -21.14 16.48 -23.61
N ASN B 454 -20.17 16.64 -24.51
CA ASN B 454 -19.19 17.70 -24.37
C ASN B 454 -19.82 19.08 -24.51
N ASP B 455 -20.95 19.18 -25.22
CA ASP B 455 -21.57 20.49 -25.37
C ASP B 455 -22.24 20.96 -24.09
N GLU B 456 -22.97 20.08 -23.42
CA GLU B 456 -23.74 20.50 -22.26
C GLU B 456 -22.83 20.90 -21.12
N VAL B 457 -21.70 20.21 -20.94
CA VAL B 457 -20.80 20.58 -19.85
C VAL B 457 -20.22 21.96 -20.10
N GLU B 458 -19.84 22.26 -21.34
CA GLU B 458 -19.29 23.57 -21.64
C GLU B 458 -20.33 24.65 -21.43
N ALA B 459 -21.56 24.40 -21.85
CA ALA B 459 -22.62 25.38 -21.61
C ALA B 459 -22.89 25.54 -20.11
N ALA B 460 -22.74 24.47 -19.35
CA ALA B 460 -23.10 24.51 -17.94
C ALA B 460 -22.13 25.37 -17.15
N ALA B 461 -20.83 25.15 -17.34
CA ALA B 461 -19.85 25.82 -16.48
C ALA B 461 -19.91 27.33 -16.66
N GLN B 462 -20.54 27.80 -17.74
CA GLN B 462 -20.67 29.24 -17.95
C GLN B 462 -21.48 29.89 -16.84
N ALA B 463 -22.57 29.25 -16.41
CA ALA B 463 -23.36 29.82 -15.34
C ALA B 463 -22.57 29.88 -14.05
N ALA B 464 -21.62 28.98 -13.87
CA ALA B 464 -20.82 29.01 -12.65
C ALA B 464 -19.94 30.26 -12.60
N GLY B 465 -19.35 30.65 -13.72
CA GLY B 465 -18.44 31.77 -13.76
C GLY B 465 -16.99 31.39 -13.96
N ILE B 466 -16.69 30.10 -14.09
CA ILE B 466 -15.30 29.66 -14.23
C ILE B 466 -14.83 29.76 -15.66
N HIS B 467 -15.76 29.89 -16.60
CA HIS B 467 -15.45 29.64 -18.01
C HIS B 467 -14.37 30.53 -18.58
N ASP B 468 -14.43 31.83 -18.32
CA ASP B 468 -13.46 32.75 -18.92
C ASP B 468 -12.04 32.45 -18.47
N ALA B 469 -11.87 32.17 -17.18
CA ALA B 469 -10.52 32.01 -16.67
C ALA B 469 -9.89 30.70 -17.14
N ILE B 470 -10.71 29.74 -17.56
CA ILE B 470 -10.16 28.45 -17.95
C ILE B 470 -9.33 28.56 -19.23
N MET B 471 -9.89 29.20 -20.26
CA MET B 471 -9.20 29.21 -21.54
C MET B 471 -7.92 30.03 -21.50
N ALA B 472 -7.82 30.96 -20.55
CA ALA B 472 -6.56 31.68 -20.40
C ALA B 472 -5.45 30.74 -19.96
N PHE B 473 -5.80 29.60 -19.37
CA PHE B 473 -4.79 28.61 -19.04
C PHE B 473 -4.17 28.09 -20.32
N PRO B 474 -2.90 27.69 -20.30
CA PRO B 474 -2.40 26.83 -21.36
C PRO B 474 -3.12 25.49 -21.29
N GLU B 475 -3.34 24.89 -22.46
CA GLU B 475 -3.86 23.54 -22.65
C GLU B 475 -5.35 23.44 -22.38
N GLY B 476 -6.00 24.48 -21.85
CA GLY B 476 -7.46 24.47 -21.75
C GLY B 476 -7.99 23.36 -20.88
N TYR B 477 -9.14 22.81 -21.29
CA TYR B 477 -9.82 21.79 -20.51
C TYR B 477 -9.02 20.52 -20.28
N ARG B 478 -7.78 20.46 -20.72
CA ARG B 478 -6.99 19.26 -20.46
C ARG B 478 -5.87 19.48 -19.46
N THR B 479 -5.91 20.56 -18.67
CA THR B 479 -4.89 20.73 -17.63
C THR B 479 -5.09 19.70 -16.54
N GLN B 480 -4.06 19.49 -15.74
CA GLN B 480 -4.11 18.51 -14.66
C GLN B 480 -4.13 19.21 -13.31
N VAL B 481 -5.09 18.83 -12.46
CA VAL B 481 -5.22 19.48 -11.17
C VAL B 481 -4.40 18.80 -10.09
N GLY B 482 -3.81 17.65 -10.37
CA GLY B 482 -2.92 17.01 -9.41
C GLY B 482 -3.66 16.33 -8.28
N GLU B 483 -2.88 15.70 -7.41
CA GLU B 483 -3.44 14.95 -6.29
C GLU B 483 -4.29 15.83 -5.42
N ARG B 484 -5.47 15.33 -5.04
CA ARG B 484 -6.41 15.99 -4.14
C ARG B 484 -6.69 17.42 -4.53
N GLY B 485 -6.30 17.81 -5.73
CA GLY B 485 -6.68 19.09 -6.28
C GLY B 485 -6.30 20.29 -5.44
N LEU B 486 -5.11 20.28 -4.86
CA LEU B 486 -4.63 21.51 -4.26
C LEU B 486 -3.62 22.22 -5.14
N LYS B 487 -3.49 21.80 -6.39
CA LYS B 487 -2.64 22.48 -7.35
C LYS B 487 -3.37 23.53 -8.14
N LEU B 488 -4.69 23.43 -8.22
CA LEU B 488 -5.46 24.31 -9.08
C LEU B 488 -5.37 25.75 -8.64
N SER B 489 -5.90 26.05 -7.47
CA SER B 489 -5.94 27.42 -6.96
C SER B 489 -6.38 27.35 -5.51
N GLY B 490 -6.78 28.48 -4.96
CA GLY B 490 -7.45 28.48 -3.68
C GLY B 490 -8.94 28.61 -3.85
N GLY B 491 -9.37 29.51 -4.73
CA GLY B 491 -10.79 29.78 -4.87
C GLY B 491 -11.47 28.84 -5.84
N GLU B 492 -10.91 28.69 -7.03
CA GLU B 492 -11.58 27.94 -8.08
C GLU B 492 -11.85 26.50 -7.65
N LYS B 493 -11.10 25.99 -6.67
CA LYS B 493 -11.34 24.63 -6.21
C LYS B 493 -12.76 24.48 -5.69
N GLN B 494 -13.41 25.58 -5.34
CA GLN B 494 -14.81 25.48 -5.00
C GLN B 494 -15.71 25.74 -6.20
N ARG B 495 -15.31 26.64 -7.09
CA ARG B 495 -16.15 26.94 -8.24
C ARG B 495 -16.33 25.73 -9.13
N VAL B 496 -15.33 24.86 -9.21
CA VAL B 496 -15.48 23.64 -10.00
C VAL B 496 -16.66 22.82 -9.48
N ALA B 497 -16.69 22.57 -8.17
CA ALA B 497 -17.78 21.76 -7.64
C ALA B 497 -19.11 22.48 -7.80
N ILE B 498 -19.11 23.81 -7.65
CA ILE B 498 -20.40 24.49 -7.75
C ILE B 498 -20.87 24.47 -9.19
N ALA B 499 -19.98 24.20 -10.14
CA ALA B 499 -20.44 23.89 -11.49
C ALA B 499 -20.90 22.45 -11.61
N ARG B 500 -20.27 21.54 -10.88
CA ARG B 500 -20.65 20.13 -10.94
C ARG B 500 -22.12 19.95 -10.59
N THR B 501 -22.54 20.52 -9.46
CA THR B 501 -23.93 20.36 -9.06
C THR B 501 -24.87 20.97 -10.09
N ILE B 502 -24.52 22.12 -10.66
CA ILE B 502 -25.37 22.70 -11.69
C ILE B 502 -25.50 21.74 -12.88
N LEU B 503 -24.41 21.05 -13.21
CA LEU B 503 -24.50 20.08 -14.31
C LEU B 503 -25.50 18.98 -14.00
N LYS B 504 -25.48 18.46 -12.76
CA LYS B 504 -26.42 17.38 -12.46
C LYS B 504 -27.87 17.85 -12.55
N ALA B 505 -28.12 19.13 -12.32
CA ALA B 505 -29.45 19.69 -12.28
C ALA B 505 -30.40 18.89 -11.39
N PRO B 506 -30.23 18.91 -10.09
CA PRO B 506 -31.15 18.16 -9.23
C PRO B 506 -32.48 18.83 -9.05
N GLY B 507 -33.30 18.25 -8.17
CA GLY B 507 -34.56 18.85 -7.82
C GLY B 507 -34.43 19.95 -6.78
N ILE B 508 -33.70 19.67 -5.70
CA ILE B 508 -33.44 20.65 -4.65
C ILE B 508 -31.94 20.69 -4.36
N ILE B 509 -31.48 21.85 -3.88
CA ILE B 509 -30.06 22.14 -3.76
C ILE B 509 -29.72 22.51 -2.33
N LEU B 510 -28.57 22.05 -1.87
CA LEU B 510 -28.16 22.33 -0.51
C LEU B 510 -26.73 22.88 -0.47
N LEU B 511 -26.53 24.10 -0.88
CA LEU B 511 -25.21 24.69 -0.86
C LEU B 511 -24.80 24.88 0.57
N ASP B 512 -23.78 24.16 1.00
CA ASP B 512 -23.30 24.28 2.39
C ASP B 512 -22.60 25.59 2.64
N GLU B 513 -21.67 26.00 1.80
CA GLU B 513 -20.93 27.24 2.11
C GLU B 513 -20.20 27.70 0.88
N ALA B 514 -20.96 28.27 -0.04
CA ALA B 514 -20.37 28.68 -1.29
C ALA B 514 -19.40 29.79 -1.13
N THR B 515 -19.89 30.92 -0.67
CA THR B 515 -19.02 32.08 -0.63
C THR B 515 -18.06 32.15 0.55
N SER B 516 -17.15 31.20 0.64
CA SER B 516 -16.16 31.28 1.70
C SER B 516 -14.89 31.72 1.07
N ALA B 517 -14.53 31.05 -0.01
CA ALA B 517 -13.28 31.38 -0.66
C ALA B 517 -13.47 32.43 -1.73
N LEU B 518 -14.47 32.26 -2.57
CA LEU B 518 -14.67 33.18 -3.65
C LEU B 518 -14.65 34.58 -3.10
N ASP B 519 -14.18 35.52 -3.89
CA ASP B 519 -14.09 36.90 -3.43
C ASP B 519 -15.42 37.58 -3.48
N THR B 520 -15.44 38.87 -3.22
CA THR B 520 -16.72 39.55 -3.14
C THR B 520 -17.40 39.71 -4.47
N SER B 521 -16.69 40.15 -5.49
CA SER B 521 -17.35 40.42 -6.75
C SER B 521 -17.86 39.15 -7.43
N ASN B 522 -16.97 38.22 -7.75
CA ASN B 522 -17.40 37.03 -8.47
C ASN B 522 -18.60 36.43 -7.76
N GLU B 523 -18.79 36.80 -6.50
CA GLU B 523 -19.95 36.32 -5.79
C GLU B 523 -21.20 36.84 -6.41
N ARG B 524 -21.37 38.16 -6.39
CA ARG B 524 -22.62 38.72 -6.88
C ARG B 524 -23.04 38.04 -8.18
N ALA B 525 -22.09 37.82 -9.09
CA ALA B 525 -22.43 37.19 -10.36
C ALA B 525 -22.89 35.76 -10.17
N ILE B 526 -22.21 35.00 -9.32
CA ILE B 526 -22.62 33.60 -9.15
C ILE B 526 -24.00 33.53 -8.51
N GLN B 527 -24.29 34.44 -7.57
CA GLN B 527 -25.62 34.46 -6.96
C GLN B 527 -26.69 34.80 -8.00
N ALA B 528 -26.43 35.81 -8.82
CA ALA B 528 -27.42 36.21 -9.82
C ALA B 528 -27.65 35.09 -10.84
N SER B 529 -26.56 34.48 -11.32
CA SER B 529 -26.70 33.44 -12.33
C SER B 529 -27.34 32.20 -11.75
N LEU B 530 -27.10 31.92 -10.48
CA LEU B 530 -27.72 30.75 -9.86
C LEU B 530 -29.23 30.91 -9.80
N ALA B 531 -29.71 32.12 -9.51
CA ALA B 531 -31.15 32.34 -9.45
C ALA B 531 -31.80 32.17 -10.80
N LYS B 532 -31.10 32.56 -11.86
CA LYS B 532 -31.67 32.49 -13.20
C LYS B 532 -32.01 31.07 -13.61
N VAL B 533 -31.41 30.07 -12.96
CA VAL B 533 -31.60 28.69 -13.38
C VAL B 533 -33.08 28.31 -13.27
N CYS B 534 -33.64 28.35 -12.07
CA CYS B 534 -35.06 28.05 -11.89
C CYS B 534 -35.50 28.51 -10.51
N ALA B 535 -36.56 29.31 -10.46
CA ALA B 535 -37.08 29.75 -9.18
C ALA B 535 -37.82 28.63 -8.47
N ASN B 536 -38.22 27.60 -9.22
CA ASN B 536 -39.03 26.54 -8.62
C ASN B 536 -38.24 25.71 -7.63
N ARG B 537 -37.02 25.34 -7.98
CA ARG B 537 -36.24 24.42 -7.16
C ARG B 537 -35.91 25.06 -5.82
N THR B 538 -36.03 24.29 -4.75
CA THR B 538 -35.85 24.77 -3.39
C THR B 538 -34.41 24.59 -2.94
N THR B 539 -33.88 25.56 -2.22
CA THR B 539 -32.49 25.55 -1.80
C THR B 539 -32.38 25.84 -0.32
N ILE B 540 -31.39 25.21 0.31
CA ILE B 540 -30.98 25.52 1.68
C ILE B 540 -29.54 26.01 1.61
N VAL B 541 -29.29 27.19 2.15
CA VAL B 541 -27.97 27.79 2.10
C VAL B 541 -27.57 28.25 3.51
N VAL B 542 -26.35 27.95 3.92
CA VAL B 542 -25.84 28.34 5.22
C VAL B 542 -24.52 29.08 5.00
N ALA B 543 -24.48 30.36 5.36
CA ALA B 543 -23.33 31.20 5.03
C ALA B 543 -22.97 32.08 6.20
N HIS B 544 -21.69 32.09 6.56
CA HIS B 544 -21.24 32.98 7.63
C HIS B 544 -21.23 34.42 7.17
N ARG B 545 -20.65 34.69 6.01
CA ARG B 545 -20.70 36.04 5.47
C ARG B 545 -22.14 36.45 5.28
N LEU B 546 -22.61 37.35 6.14
CA LEU B 546 -24.04 37.59 6.27
C LEU B 546 -24.61 38.42 5.13
N SER B 547 -23.76 39.01 4.29
CA SER B 547 -24.26 39.82 3.19
C SER B 547 -25.07 39.00 2.20
N THR B 548 -24.62 37.77 1.91
CA THR B 548 -25.17 37.04 0.78
C THR B 548 -26.61 36.58 1.01
N VAL B 549 -27.06 36.56 2.26
CA VAL B 549 -28.39 36.04 2.53
C VAL B 549 -29.32 37.17 2.97
N VAL B 550 -29.03 38.39 2.51
CA VAL B 550 -29.79 39.54 2.97
C VAL B 550 -31.26 39.43 2.58
N ASN B 551 -31.54 38.95 1.37
CA ASN B 551 -32.90 38.96 0.83
C ASN B 551 -33.46 37.55 0.64
N ALA B 552 -33.00 36.58 1.42
CA ALA B 552 -33.55 35.24 1.31
C ALA B 552 -34.98 35.21 1.83
N ASP B 553 -35.65 34.08 1.62
CA ASP B 553 -37.07 34.00 1.98
C ASP B 553 -37.25 34.01 3.49
N GLN B 554 -36.54 33.16 4.22
CA GLN B 554 -36.65 33.22 5.67
C GLN B 554 -35.41 32.64 6.34
N ILE B 555 -35.17 33.07 7.58
CA ILE B 555 -33.88 32.91 8.23
C ILE B 555 -34.06 32.31 9.62
N LEU B 556 -33.17 31.41 9.99
CA LEU B 556 -33.11 30.79 11.31
C LEU B 556 -31.78 31.11 11.98
N VAL B 557 -31.80 31.13 13.31
CA VAL B 557 -30.59 31.31 14.11
C VAL B 557 -30.48 30.18 15.10
N ILE B 558 -29.30 29.57 15.16
CA ILE B 558 -29.04 28.40 15.98
C ILE B 558 -27.99 28.79 17.01
N LYS B 559 -28.39 28.85 18.28
CA LYS B 559 -27.42 29.12 19.34
C LYS B 559 -26.69 27.86 19.76
N ASP B 560 -27.41 26.87 20.27
CA ASP B 560 -26.80 25.60 20.61
C ASP B 560 -27.90 24.54 20.57
N GLY B 561 -27.94 23.79 19.47
CA GLY B 561 -28.87 22.69 19.36
C GLY B 561 -30.32 23.07 19.47
N CYS B 562 -30.66 24.33 19.28
CA CYS B 562 -32.06 24.74 19.37
C CYS B 562 -32.26 26.03 18.59
N ILE B 563 -33.48 26.17 18.05
CA ILE B 563 -33.86 27.40 17.38
C ILE B 563 -33.90 28.52 18.42
N VAL B 564 -33.57 29.75 17.99
CA VAL B 564 -33.74 30.92 18.85
C VAL B 564 -34.85 31.82 18.37
N GLU B 565 -34.74 32.37 17.16
CA GLU B 565 -35.79 33.24 16.66
C GLU B 565 -35.79 33.21 15.14
N ARG B 566 -36.99 33.28 14.57
CA ARG B 566 -37.17 33.13 13.14
C ARG B 566 -37.98 34.28 12.57
N GLY B 567 -37.62 34.71 11.37
CA GLY B 567 -38.35 35.78 10.71
C GLY B 567 -37.56 36.29 9.53
N ARG B 568 -38.25 37.07 8.69
CA ARG B 568 -37.63 37.64 7.51
C ARG B 568 -36.68 38.77 7.91
N HIS B 569 -35.76 39.10 6.98
CA HIS B 569 -34.69 40.04 7.30
C HIS B 569 -35.25 41.40 7.74
N GLU B 570 -36.13 41.99 6.93
CA GLU B 570 -36.56 43.36 7.19
C GLU B 570 -37.31 43.45 8.51
N ALA B 571 -38.20 42.50 8.78
CA ALA B 571 -39.00 42.58 9.99
C ALA B 571 -38.19 42.24 11.23
N LEU B 572 -37.30 41.25 11.13
CA LEU B 572 -36.64 40.72 12.31
C LEU B 572 -35.56 41.65 12.84
N LEU B 573 -34.98 42.50 12.00
CA LEU B 573 -33.93 43.38 12.47
C LEU B 573 -34.44 44.33 13.54
N SER B 574 -35.63 44.89 13.36
CA SER B 574 -36.17 45.84 14.32
C SER B 574 -36.46 45.18 15.67
N ARG B 575 -36.57 43.85 15.71
CA ARG B 575 -36.84 43.18 16.97
C ARG B 575 -35.74 43.42 17.99
N GLY B 576 -34.52 43.68 17.54
CA GLY B 576 -33.43 43.90 18.46
C GLY B 576 -32.98 42.65 19.17
N GLY B 577 -33.20 41.50 18.56
CA GLY B 577 -32.72 40.24 19.10
C GLY B 577 -31.25 40.04 18.79
N VAL B 578 -30.79 38.82 19.06
CA VAL B 578 -29.37 38.53 18.89
C VAL B 578 -28.94 38.73 17.45
N TYR B 579 -29.82 38.44 16.50
CA TYR B 579 -29.49 38.64 15.09
C TYR B 579 -29.15 40.10 14.84
N ALA B 580 -29.84 41.01 15.51
CA ALA B 580 -29.50 42.42 15.40
C ALA B 580 -28.07 42.67 15.87
N ASP B 581 -27.68 42.04 16.97
CA ASP B 581 -26.31 42.19 17.46
C ASP B 581 -25.31 41.70 16.42
N MET B 582 -25.57 40.52 15.85
CA MET B 582 -24.63 39.96 14.89
C MET B 582 -24.48 40.88 13.68
N TRP B 583 -25.60 41.35 13.14
CA TRP B 583 -25.54 42.20 11.95
C TRP B 583 -24.87 43.53 12.26
N GLN B 584 -25.21 44.14 13.41
CA GLN B 584 -24.63 45.43 13.75
C GLN B 584 -23.14 45.33 13.95
N LEU B 585 -22.68 44.29 14.66
CA LEU B 585 -21.24 44.11 14.82
C LEU B 585 -20.57 43.84 13.50
N GLN B 586 -21.24 43.10 12.60
CA GLN B 586 -20.67 42.84 11.30
C GLN B 586 -20.47 44.13 10.50
N GLN B 587 -21.44 45.04 10.54
CA GLN B 587 -21.30 46.29 9.81
C GLN B 587 -20.20 47.14 10.43
PB ADP C . -5.78 32.88 -4.45
O1B ADP C . -5.28 34.11 -3.74
O2B ADP C . -7.21 32.94 -4.89
O3B ADP C . -5.37 31.61 -3.78
PA ADP C . -3.43 32.44 -5.89
O1A ADP C . -2.61 33.54 -5.28
O2A ADP C . -3.29 31.02 -5.40
O3A ADP C . -4.97 32.85 -5.83
O5' ADP C . -3.20 32.42 -7.48
C5' ADP C . -2.29 31.51 -8.05
C4' ADP C . -2.56 31.39 -9.54
O4' ADP C . -1.41 30.86 -10.17
C3' ADP C . -3.71 30.46 -9.81
O3' ADP C . -4.70 31.14 -10.57
C2' ADP C . -3.16 29.36 -10.67
O2' ADP C . -3.75 29.48 -11.96
C1' ADP C . -1.69 29.63 -10.81
N9 ADP C . -0.94 28.58 -10.09
C8 ADP C . -0.47 28.70 -8.84
N7 ADP C . 0.17 27.57 -8.45
C5 ADP C . 0.11 26.72 -9.47
C6 ADP C . 0.57 25.35 -9.72
N6 ADP C . 1.25 24.69 -8.78
N1 ADP C . 0.28 24.81 -10.91
C2 ADP C . -0.39 25.48 -11.85
N3 ADP C . -0.86 26.73 -11.68
C4 ADP C . -0.64 27.38 -10.54
V VO4 D . -8.11 32.94 -2.02
O1 VO4 D . -9.24 33.21 -0.51
O2 VO4 D . -8.89 31.67 -3.20
O3 VO4 D . -7.89 34.60 -2.92
O4 VO4 D . -6.41 32.29 -1.42
MG MG E . -4.68 30.99 -1.91
PB ADP F . -19.97 24.17 12.21
O1B ADP F . -19.56 25.45 12.90
O2B ADP F . -21.18 24.29 11.33
O3B ADP F . -18.84 23.39 11.60
PA ADP F . -21.05 21.77 13.10
O1A ADP F . -22.42 21.88 12.50
O2A ADP F . -19.98 20.98 12.39
O3A ADP F . -20.50 23.24 13.40
O5' ADP F . -21.18 21.22 14.61
C5' ADP F . -21.15 19.84 14.90
C4' ADP F . -20.72 19.68 16.35
O4' ADP F . -20.79 18.32 16.71
C3' ADP F . -19.28 20.11 16.52
O3' ADP F . -19.20 20.94 17.66
C2' ADP F . -18.50 18.86 16.84
O2' ADP F . -17.92 19.05 18.12
C1' ADP F . -19.51 17.76 16.96
N9 ADP F . -19.29 16.78 15.88
C8 ADP F . -19.43 17.03 14.57
N7 ADP F . -19.16 15.92 13.83
C5 ADP F . -18.85 14.95 14.68
C6 ADP F . -18.49 13.54 14.56
N6 ADP F . -18.39 12.97 13.35
N1 ADP F . -18.24 12.86 15.68
C2 ADP F . -18.33 13.44 16.89
N3 ADP F . -18.68 14.72 17.08
C4 ADP F . -18.94 15.52 16.03
V VO4 G . -18.89 26.40 10.44
O1 VO4 G . -17.49 25.98 11.68
O2 VO4 G . -19.43 24.85 9.48
O3 VO4 G . -20.43 27.22 11.24
O4 VO4 G . -18.04 27.45 9.11
MG MG H . -19.79 22.75 9.33
#